data_3WN4
#
_entry.id   3WN4
#
_cell.length_a   138.361
_cell.length_b   103.528
_cell.length_c   70.724
_cell.angle_alpha   90.00
_cell.angle_beta   106.74
_cell.angle_gamma   90.00
#
_symmetry.space_group_name_H-M   'C 1 2 1'
#
loop_
_entity.id
_entity.type
_entity.pdbx_description
1 polymer 'Toll-like receptor 8'
2 branched alpha-D-mannopyranose-(1-3)-[alpha-D-mannopyranose-(2-6)]beta-D-mannopyranose-(1-4)-2-acetamido-2-deoxy-beta-D-glucopyranose-(1-4)-2-acetamido-2-deoxy-beta-D-glucopyranose
3 branched beta-D-mannopyranose-(1-4)-2-acetamido-2-deoxy-beta-D-glucopyranose-(1-4)-2-acetamido-2-deoxy-beta-D-glucopyranose
4 non-polymer 2-butylfuro[2,3-c]quinolin-4-amine
5 non-polymer 2-acetamido-2-deoxy-beta-D-glucopyranose
6 water water
#
_entity_poly.entity_id   1
_entity_poly.type   'polypeptide(L)'
_entity_poly.pdbx_seq_one_letter_code
;RSPWEENFSRSYPCDEKKQNDSVIAECSNRRLQEVPQTVGKYVTELDLSDNFITHITNESFQGLQNLTKINLNHNPNVQH
QNGNPGIQSNGLNITDGAFLNLKNLRELLLEDNQLPQIPSGLPESLTELSLIQNNIYNITKEGISRLINLKNLYLAWNCY
FNKVCEKTNIEDGVFETLTNLELLSLSFNSLSHVPPKLPSSLRKLFLSNTQIKYISEEDFKGLINLTLLDLSGNCPRCFN
APFPCVPCDGGASINIDRFAFQNLTQLRYLNLSSTSLRKINAAWFKNMPHLKVLDLEFNYLVGEIASGAFLTMLPRLEIL
DLSFNYIKGSYPQHINISRNFSKLLSLRALHLRGYVFQELREDDFQPLMQLPNLSTINLGINFIKQIDFKLFQNFSNLEI
IYLSENRISPLVKDTRQSYANSSSFQRHIRKRRSTDFEFDPHSNFYHFTRPLIKPQCAAYGKALDLSLNSIFFIGPNQFE
NLPDIACLNLSANSNAQVLSGTEFSAIPHVKYLDLTNNRLDFDNASALTELSDLEVLDLSYNSHYFRIAGVTHHLEFIQN
FTNLKVLNLSHNNIYTLTDKYNLESKSLVELVFSGNRLDILWNDDDNRYISIFKGLKNLTRLDLSLNRLKHIPNEAFLNL
PASLTELHINDNMLKFFNWTLLQQFPRLELLDLRGNKLLFLTDSLSDFTSSLRTLLLSHNRISHLPSGFLSEVSSLKHLD
LSSNLLKTINKSALETKTTTKLSMLELHGNPFECTCDIGDFRRWMDEHLNVKIPRLVDVICASPGDQRGKSIVSLELTTC
VSDVTEFLVPR
;
_entity_poly.pdbx_strand_id   A
#
loop_
_chem_comp.id
_chem_comp.type
_chem_comp.name
_chem_comp.formula
BMA D-saccharide, beta linking beta-D-mannopyranose 'C6 H12 O6'
D87 non-polymer 2-butylfuro[2,3-c]quinolin-4-amine 'C15 H16 N2 O'
MAN D-saccharide, alpha linking alpha-D-mannopyranose 'C6 H12 O6'
NAG D-saccharide, beta linking 2-acetamido-2-deoxy-beta-D-glucopyranose 'C8 H15 N O6'
#
# COMPACT_ATOMS: atom_id res chain seq x y z
N ARG A 10 33.46 1.03 7.46
CA ARG A 10 32.10 1.45 6.94
C ARG A 10 31.68 0.66 5.70
N SER A 11 30.74 -0.25 5.95
CA SER A 11 30.10 -1.13 4.97
C SER A 11 29.69 -0.39 3.72
N TYR A 12 30.07 -0.94 2.56
CA TYR A 12 29.90 -0.34 1.24
C TYR A 12 29.95 -1.50 0.23
N PRO A 13 29.09 -1.50 -0.80
CA PRO A 13 28.06 -0.49 -1.09
C PRO A 13 26.74 -0.79 -0.39
N CYS A 14 26.70 -1.77 0.51
CA CYS A 14 25.40 -2.15 1.10
C CYS A 14 25.15 -1.41 2.41
N ASP A 15 23.89 -1.31 2.79
CA ASP A 15 23.47 -0.90 4.14
C ASP A 15 23.02 -2.09 5.02
N GLU A 16 23.72 -2.35 6.12
CA GLU A 16 23.43 -3.50 6.97
C GLU A 16 22.35 -3.22 8.06
N LYS A 17 21.35 -4.09 8.20
CA LYS A 17 20.39 -4.05 9.33
C LYS A 17 20.44 -5.37 10.13
N LYS A 18 20.24 -5.28 11.43
CA LYS A 18 20.50 -6.40 12.36
C LYS A 18 19.29 -6.71 13.23
N ASP A 21 17.22 -11.17 14.72
CA ASP A 21 17.53 -12.60 14.52
C ASP A 21 18.23 -12.96 13.19
N SER A 22 18.91 -12.01 12.58
CA SER A 22 19.59 -12.22 11.28
C SER A 22 20.16 -10.88 10.88
N VAL A 23 21.14 -10.88 9.96
CA VAL A 23 21.66 -9.61 9.44
C VAL A 23 21.44 -9.52 7.92
N ILE A 24 20.73 -8.47 7.50
CA ILE A 24 20.39 -8.23 6.12
C ILE A 24 21.43 -7.26 5.58
N ALA A 25 21.97 -7.56 4.41
CA ALA A 25 22.69 -6.54 3.64
C ALA A 25 21.69 -5.99 2.59
N GLU A 26 21.24 -4.74 2.80
CA GLU A 26 20.37 -4.04 1.83
C GLU A 26 21.24 -3.50 0.73
N CYS A 27 21.19 -4.10 -0.44
CA CYS A 27 22.09 -3.71 -1.54
C CYS A 27 21.34 -3.52 -2.83
N SER A 28 20.07 -3.20 -2.76
CA SER A 28 19.26 -3.21 -3.94
C SER A 28 19.27 -1.81 -4.58
N ASN A 29 18.99 -1.73 -5.88
CA ASN A 29 18.72 -0.45 -6.51
C ASN A 29 19.84 0.54 -6.36
N ARG A 30 21.06 0.08 -6.53
CA ARG A 30 22.26 0.88 -6.32
C ARG A 30 23.13 0.92 -7.51
N ARG A 31 22.58 0.58 -8.67
CA ARG A 31 23.33 0.56 -9.94
C ARG A 31 24.53 -0.41 -9.98
N LEU A 32 24.49 -1.52 -9.22
CA LEU A 32 25.67 -2.36 -9.20
C LEU A 32 25.74 -3.12 -10.49
N GLN A 33 26.93 -3.15 -11.08
CA GLN A 33 27.20 -3.89 -12.28
C GLN A 33 27.84 -5.28 -12.03
N GLU A 34 28.18 -5.57 -10.79
CA GLU A 34 28.75 -6.88 -10.39
C GLU A 34 28.28 -7.17 -8.97
N VAL A 35 28.24 -8.44 -8.58
CA VAL A 35 28.10 -8.82 -7.17
C VAL A 35 29.25 -8.18 -6.42
N PRO A 36 28.96 -7.37 -5.36
CA PRO A 36 30.07 -6.82 -4.58
C PRO A 36 30.86 -7.91 -3.92
N GLN A 37 32.17 -7.69 -3.86
CA GLN A 37 33.05 -8.62 -3.21
C GLN A 37 33.33 -8.22 -1.76
N THR A 38 32.47 -7.37 -1.18
CA THR A 38 32.69 -6.81 0.15
C THR A 38 31.49 -7.07 1.09
N VAL A 39 30.77 -8.15 0.88
CA VAL A 39 29.63 -8.44 1.76
C VAL A 39 30.19 -8.93 3.08
N GLY A 40 29.64 -8.49 4.20
CA GLY A 40 30.10 -8.93 5.51
C GLY A 40 29.91 -10.45 5.69
N LYS A 41 30.90 -11.07 6.34
CA LYS A 41 30.90 -12.51 6.44
C LYS A 41 29.80 -12.93 7.40
N TYR A 42 29.34 -11.98 8.20
CA TYR A 42 28.26 -12.22 9.15
C TYR A 42 26.85 -11.99 8.57
N VAL A 43 26.78 -11.60 7.31
CA VAL A 43 25.47 -11.40 6.66
C VAL A 43 24.71 -12.72 6.38
N THR A 44 23.43 -12.77 6.69
CA THR A 44 22.61 -14.03 6.47
C THR A 44 21.60 -13.90 5.30
N GLU A 45 21.19 -12.66 5.02
CA GLU A 45 20.32 -12.37 3.88
C GLU A 45 20.88 -11.21 3.05
N LEU A 46 21.01 -11.45 1.75
CA LEU A 46 21.64 -10.53 0.81
C LEU A 46 20.61 -10.16 -0.25
N ASP A 47 20.23 -8.85 -0.29
CA ASP A 47 19.31 -8.31 -1.29
C ASP A 47 20.05 -7.50 -2.32
N LEU A 48 20.16 -8.08 -3.51
CA LEU A 48 20.84 -7.46 -4.64
C LEU A 48 19.86 -7.17 -5.79
N SER A 49 18.59 -7.02 -5.47
CA SER A 49 17.57 -6.82 -6.47
C SER A 49 17.73 -5.47 -7.14
N ASP A 50 17.25 -5.37 -8.38
CA ASP A 50 17.08 -4.07 -9.06
C ASP A 50 18.37 -3.35 -9.30
N ASN A 51 19.42 -4.09 -9.60
CA ASN A 51 20.72 -3.54 -10.02
C ASN A 51 20.92 -3.86 -11.51
N PHE A 52 22.17 -3.85 -11.96
CA PHE A 52 22.52 -4.01 -13.36
C PHE A 52 23.49 -5.19 -13.47
N ILE A 53 23.32 -6.18 -12.59
CA ILE A 53 24.17 -7.34 -12.57
C ILE A 53 23.80 -8.27 -13.72
N THR A 54 24.82 -8.73 -14.45
CA THR A 54 24.65 -9.56 -15.65
C THR A 54 25.29 -10.95 -15.58
N HIS A 55 26.19 -11.17 -14.62
CA HIS A 55 26.81 -12.49 -14.45
C HIS A 55 26.81 -12.91 -12.98
N ILE A 56 26.44 -14.15 -12.78
CA ILE A 56 26.67 -14.86 -11.53
C ILE A 56 27.55 -16.13 -11.82
N THR A 57 28.62 -16.32 -11.06
CA THR A 57 29.46 -17.52 -11.14
C THR A 57 29.78 -18.09 -9.75
N ASN A 58 30.66 -19.12 -9.71
CA ASN A 58 31.03 -19.72 -8.48
C ASN A 58 31.93 -18.80 -7.68
N GLU A 59 32.39 -17.68 -8.27
CA GLU A 59 33.19 -16.74 -7.47
C GLU A 59 32.32 -15.66 -6.84
N SER A 60 31.05 -15.58 -7.23
CA SER A 60 30.26 -14.42 -6.79
C SER A 60 30.03 -14.41 -5.29
N PHE A 61 29.78 -15.57 -4.67
CA PHE A 61 29.44 -15.62 -3.25
C PHE A 61 30.37 -16.57 -2.49
N GLN A 62 31.54 -16.77 -3.08
CA GLN A 62 32.61 -17.59 -2.54
C GLN A 62 32.75 -17.53 -1.01
N GLY A 63 32.57 -18.67 -0.37
CA GLY A 63 32.80 -18.81 1.08
C GLY A 63 31.74 -18.23 2.01
N LEU A 64 30.66 -17.65 1.46
CA LEU A 64 29.67 -16.96 2.33
C LEU A 64 28.63 -17.90 2.87
N GLN A 65 29.10 -18.82 3.71
CA GLN A 65 28.29 -19.93 4.19
C GLN A 65 27.20 -19.53 5.15
N ASN A 66 27.26 -18.31 5.67
CA ASN A 66 26.14 -17.83 6.48
C ASN A 66 24.93 -17.39 5.66
N LEU A 67 25.04 -17.33 4.33
CA LEU A 67 23.92 -16.81 3.51
C LEU A 67 22.80 -17.82 3.47
N THR A 68 21.66 -17.48 4.04
CA THR A 68 20.53 -18.38 3.86
C THR A 68 19.53 -17.80 2.82
N LYS A 69 19.61 -16.52 2.50
CA LYS A 69 18.67 -15.97 1.52
C LYS A 69 19.42 -15.09 0.59
N ILE A 70 19.16 -15.22 -0.70
CA ILE A 70 19.70 -14.27 -1.73
C ILE A 70 18.56 -13.84 -2.66
N ASN A 71 18.42 -12.52 -2.84
CA ASN A 71 17.50 -11.87 -3.74
C ASN A 71 18.23 -11.20 -4.90
N LEU A 72 18.07 -11.75 -6.09
CA LEU A 72 18.64 -11.24 -7.31
C LEU A 72 17.54 -10.84 -8.33
N ASN A 73 16.35 -10.55 -7.84
CA ASN A 73 15.23 -10.13 -8.71
C ASN A 73 15.55 -8.90 -9.50
N HIS A 74 15.08 -8.82 -10.74
CA HIS A 74 15.13 -7.62 -11.59
C HIS A 74 16.57 -7.20 -11.91
N ASN A 75 17.40 -8.12 -12.39
CA ASN A 75 18.78 -7.83 -12.77
C ASN A 75 18.94 -8.43 -14.19
N PRO A 76 19.41 -7.62 -15.13
CA PRO A 76 19.75 -6.21 -14.91
C PRO A 76 18.54 -5.27 -15.11
N ASN A 77 18.62 -4.04 -14.62
CA ASN A 77 17.56 -2.96 -14.72
C ASN A 77 16.52 -3.11 -13.62
N GLY A 91 19.74 -10.16 -20.19
CA GLY A 91 19.36 -11.16 -19.16
C GLY A 91 20.47 -11.56 -18.18
N LEU A 92 20.13 -12.22 -17.06
CA LEU A 92 21.12 -12.54 -16.04
C LEU A 92 21.79 -13.85 -16.45
N ASN A 93 23.13 -13.88 -16.49
CA ASN A 93 23.83 -15.12 -16.88
C ASN A 93 24.41 -15.84 -15.69
N ILE A 94 23.77 -16.95 -15.32
CA ILE A 94 24.13 -17.71 -14.14
C ILE A 94 24.84 -18.98 -14.57
N THR A 95 26.10 -19.16 -14.19
CA THR A 95 26.77 -20.39 -14.63
C THR A 95 26.26 -21.63 -13.90
N ASP A 96 26.41 -22.76 -14.56
CA ASP A 96 26.10 -24.07 -13.96
C ASP A 96 26.88 -24.22 -12.62
N GLY A 97 26.19 -24.59 -11.53
CA GLY A 97 26.84 -24.70 -10.21
C GLY A 97 27.28 -23.41 -9.51
N ALA A 98 26.88 -22.21 -9.98
CA ALA A 98 27.33 -20.97 -9.34
C ALA A 98 27.02 -20.89 -7.83
N PHE A 99 25.90 -21.47 -7.41
CA PHE A 99 25.51 -21.31 -5.98
C PHE A 99 25.80 -22.58 -5.25
N LEU A 100 26.29 -23.56 -6.00
CA LEU A 100 26.40 -24.91 -5.43
C LEU A 100 27.23 -24.99 -4.13
N ASN A 101 28.21 -24.09 -3.90
CA ASN A 101 29.06 -24.10 -2.70
C ASN A 101 28.30 -23.75 -1.41
N LEU A 102 27.21 -23.01 -1.52
CA LEU A 102 26.50 -22.50 -0.33
C LEU A 102 25.69 -23.59 0.30
N LYS A 103 26.22 -24.11 1.40
CA LYS A 103 25.64 -25.26 2.07
C LYS A 103 24.42 -25.02 2.87
N ASN A 104 24.07 -23.77 3.18
CA ASN A 104 22.85 -23.52 3.92
C ASN A 104 21.99 -22.46 3.21
N LEU A 105 22.16 -22.30 1.89
CA LEU A 105 21.27 -21.37 1.10
C LEU A 105 19.86 -21.94 1.05
N ARG A 106 18.87 -21.25 1.64
CA ARG A 106 17.52 -21.80 1.75
C ARG A 106 16.57 -21.11 0.74
N GLU A 107 16.76 -19.81 0.60
CA GLU A 107 15.85 -19.03 -0.26
C GLU A 107 16.56 -18.32 -1.38
N LEU A 108 16.17 -18.62 -2.62
CA LEU A 108 16.78 -17.96 -3.74
C LEU A 108 15.70 -17.36 -4.63
N LEU A 109 15.78 -16.04 -4.77
CA LEU A 109 14.81 -15.29 -5.56
C LEU A 109 15.44 -14.82 -6.83
N LEU A 110 14.88 -15.28 -7.97
CA LEU A 110 15.47 -14.96 -9.29
C LEU A 110 14.39 -14.54 -10.32
N GLU A 111 13.47 -13.71 -9.83
CA GLU A 111 12.41 -13.13 -10.60
C GLU A 111 12.88 -12.09 -11.56
N ASP A 112 12.24 -12.12 -12.70
CA ASP A 112 12.33 -11.04 -13.71
C ASP A 112 13.78 -10.84 -14.20
N ASN A 113 14.42 -11.96 -14.49
CA ASN A 113 15.83 -11.99 -14.92
C ASN A 113 16.01 -12.48 -16.35
N GLN A 114 14.91 -12.55 -17.13
CA GLN A 114 14.90 -13.10 -18.50
C GLN A 114 15.62 -14.44 -18.62
N LEU A 115 15.46 -15.33 -17.65
CA LEU A 115 16.13 -16.60 -17.75
C LEU A 115 15.50 -17.48 -18.78
N PRO A 116 16.35 -18.14 -19.63
CA PRO A 116 15.86 -19.12 -20.61
C PRO A 116 15.71 -20.55 -20.08
N GLN A 117 16.36 -20.85 -18.95
CA GLN A 117 16.24 -22.12 -18.34
C GLN A 117 16.32 -22.04 -16.83
N ILE A 118 15.93 -23.12 -16.19
CA ILE A 118 16.19 -23.24 -14.74
C ILE A 118 17.72 -23.37 -14.61
N PRO A 119 18.34 -22.58 -13.73
CA PRO A 119 19.81 -22.75 -13.62
C PRO A 119 20.14 -24.16 -13.14
N SER A 120 21.17 -24.71 -13.72
CA SER A 120 21.66 -26.04 -13.29
C SER A 120 22.66 -26.02 -12.12
N GLY A 121 22.69 -27.12 -11.41
CA GLY A 121 23.56 -27.28 -10.29
C GLY A 121 23.20 -26.38 -9.11
N LEU A 122 21.92 -26.09 -8.93
CA LEU A 122 21.47 -25.39 -7.71
C LEU A 122 21.71 -26.26 -6.45
N PRO A 123 21.96 -25.61 -5.29
CA PRO A 123 22.25 -26.33 -4.03
C PRO A 123 21.07 -27.06 -3.44
N GLU A 124 21.32 -28.28 -2.99
CA GLU A 124 20.31 -29.16 -2.43
C GLU A 124 19.67 -28.59 -1.15
N SER A 125 20.34 -27.63 -0.50
CA SER A 125 19.85 -26.95 0.69
C SER A 125 18.56 -26.15 0.43
N LEU A 126 18.26 -25.82 -0.82
CA LEU A 126 17.11 -24.91 -1.09
C LEU A 126 15.75 -25.39 -0.58
N THR A 127 15.06 -24.50 0.09
CA THR A 127 13.70 -24.76 0.44
C THR A 127 12.72 -23.82 -0.31
N GLU A 128 13.18 -22.68 -0.81
CA GLU A 128 12.32 -21.76 -1.57
C GLU A 128 13.05 -21.29 -2.81
N LEU A 129 12.45 -21.52 -3.99
CA LEU A 129 13.04 -21.00 -5.20
C LEU A 129 11.97 -20.29 -6.05
N SER A 130 12.23 -19.04 -6.36
CA SER A 130 11.32 -18.26 -7.24
C SER A 130 11.96 -17.86 -8.57
N LEU A 131 11.28 -18.29 -9.63
CA LEU A 131 11.63 -18.09 -11.04
C LEU A 131 10.47 -17.41 -11.81
N ILE A 132 9.61 -16.74 -11.04
CA ILE A 132 8.56 -15.88 -11.61
C ILE A 132 9.11 -14.88 -12.64
N GLN A 133 8.36 -14.70 -13.69
CA GLN A 133 8.58 -13.66 -14.68
C GLN A 133 9.94 -13.81 -15.42
N ASN A 134 10.16 -15.01 -15.91
CA ASN A 134 11.32 -15.34 -16.75
C ASN A 134 10.88 -15.84 -18.12
N ASN A 135 11.82 -16.48 -18.88
CA ASN A 135 11.50 -17.10 -20.16
C ASN A 135 11.67 -18.63 -20.15
N ILE A 136 11.26 -19.27 -19.04
CA ILE A 136 11.44 -20.67 -18.83
C ILE A 136 10.26 -21.46 -19.37
N TYR A 137 10.51 -22.28 -20.41
CA TYR A 137 9.42 -23.07 -21.03
C TYR A 137 9.57 -24.57 -20.87
N ASN A 138 10.60 -24.94 -20.13
CA ASN A 138 10.94 -26.32 -19.91
C ASN A 138 11.21 -26.55 -18.45
N ILE A 139 10.39 -27.36 -17.80
CA ILE A 139 10.63 -27.80 -16.44
C ILE A 139 11.16 -29.23 -16.37
N THR A 140 12.42 -29.36 -15.99
CA THR A 140 13.16 -30.62 -16.18
C THR A 140 13.71 -31.23 -14.93
N LYS A 141 13.87 -32.57 -14.95
CA LYS A 141 14.48 -33.29 -13.82
C LYS A 141 15.88 -32.82 -13.60
N GLU A 142 16.54 -32.46 -14.67
CA GLU A 142 17.88 -31.97 -14.50
C GLU A 142 17.91 -30.71 -13.68
N GLY A 143 16.95 -29.79 -13.87
CA GLY A 143 16.95 -28.57 -13.09
C GLY A 143 16.48 -28.71 -11.64
N ILE A 144 15.50 -29.58 -11.41
CA ILE A 144 14.87 -29.56 -10.08
C ILE A 144 14.80 -30.83 -9.31
N SER A 145 14.89 -31.97 -10.00
CA SER A 145 14.70 -33.23 -9.28
C SER A 145 15.72 -33.46 -8.13
N ARG A 146 16.87 -32.81 -8.15
CA ARG A 146 17.77 -32.94 -6.99
C ARG A 146 17.45 -32.09 -5.81
N LEU A 147 16.53 -31.13 -5.96
CA LEU A 147 16.24 -30.17 -4.89
C LEU A 147 15.25 -30.78 -3.91
N ILE A 148 15.64 -31.82 -3.17
CA ILE A 148 14.62 -32.60 -2.46
C ILE A 148 14.14 -31.94 -1.17
N ASN A 149 14.81 -30.89 -0.73
CA ASN A 149 14.32 -30.10 0.40
C ASN A 149 13.34 -29.00 -0.04
N LEU A 150 13.07 -28.86 -1.34
CA LEU A 150 12.19 -27.72 -1.74
C LEU A 150 10.89 -27.84 -1.09
N LYS A 151 10.44 -26.72 -0.61
CA LYS A 151 9.14 -26.56 0.04
C LYS A 151 8.26 -25.60 -0.79
N ASN A 152 8.83 -24.50 -1.28
CA ASN A 152 8.02 -23.59 -2.13
C ASN A 152 8.68 -23.36 -3.48
N LEU A 153 7.96 -23.64 -4.56
CA LEU A 153 8.51 -23.43 -5.90
C LEU A 153 7.54 -22.57 -6.72
N TYR A 154 8.04 -21.43 -7.13
CA TYR A 154 7.28 -20.45 -7.91
C TYR A 154 7.81 -20.37 -9.35
N LEU A 155 6.96 -20.78 -10.30
CA LEU A 155 7.28 -20.69 -11.73
C LEU A 155 6.25 -19.90 -12.57
N ALA A 156 5.44 -19.13 -11.89
CA ALA A 156 4.40 -18.37 -12.51
C ALA A 156 4.90 -17.29 -13.49
N TRP A 157 4.08 -17.01 -14.47
CA TRP A 157 4.21 -15.81 -15.32
C TRP A 157 5.42 -15.90 -16.18
N ASN A 158 5.63 -17.06 -16.74
CA ASN A 158 6.69 -17.17 -17.78
C ASN A 158 6.05 -17.19 -19.22
N CYS A 159 4.78 -17.53 -19.37
CA CYS A 159 4.21 -17.51 -20.75
C CYS A 159 2.73 -17.20 -20.69
N TYR A 160 2.38 -16.00 -21.12
CA TYR A 160 1.06 -15.44 -20.88
C TYR A 160 0.73 -14.29 -21.86
N PHE A 161 -0.57 -14.00 -21.94
CA PHE A 161 -1.13 -12.86 -22.69
C PHE A 161 -0.53 -12.92 -24.14
N ASN A 162 0.07 -11.82 -24.62
CA ASN A 162 0.59 -11.83 -26.01
C ASN A 162 2.12 -11.86 -26.02
N LYS A 163 2.71 -12.31 -24.92
CA LYS A 163 4.16 -12.55 -24.94
C LYS A 163 4.50 -13.54 -26.04
N VAL A 164 5.67 -13.36 -26.64
CA VAL A 164 6.16 -14.38 -27.54
C VAL A 164 6.86 -15.43 -26.68
N CYS A 165 6.32 -16.65 -26.67
CA CYS A 165 6.85 -17.68 -25.76
C CYS A 165 6.31 -19.03 -26.21
N GLU A 166 6.78 -20.12 -25.59
CA GLU A 166 6.34 -21.49 -25.93
C GLU A 166 5.47 -22.11 -24.89
N LYS A 167 4.64 -23.06 -25.31
CA LYS A 167 3.96 -23.92 -24.36
C LYS A 167 4.95 -24.57 -23.40
N THR A 168 4.53 -24.73 -22.16
CA THR A 168 5.43 -25.26 -21.15
C THR A 168 5.47 -26.76 -21.25
N ASN A 169 6.69 -27.29 -21.36
CA ASN A 169 6.91 -28.71 -21.28
C ASN A 169 7.27 -29.05 -19.85
N ILE A 170 6.45 -29.88 -19.23
CA ILE A 170 6.75 -30.33 -17.90
C ILE A 170 7.21 -31.78 -18.05
N GLU A 171 8.44 -32.05 -17.66
CA GLU A 171 9.01 -33.41 -17.84
C GLU A 171 8.28 -34.38 -16.92
N ASP A 172 7.82 -35.50 -17.47
CA ASP A 172 7.00 -36.42 -16.73
C ASP A 172 7.65 -36.85 -15.44
N GLY A 173 6.94 -36.61 -14.35
CA GLY A 173 7.41 -36.94 -13.01
C GLY A 173 8.42 -36.01 -12.41
N VAL A 174 8.67 -34.83 -12.99
CA VAL A 174 9.71 -33.91 -12.42
C VAL A 174 9.53 -33.49 -10.93
N PHE A 175 8.26 -33.38 -10.53
CA PHE A 175 7.93 -32.95 -9.19
C PHE A 175 7.80 -34.11 -8.23
N GLU A 176 7.75 -35.32 -8.78
CA GLU A 176 7.43 -36.52 -7.98
C GLU A 176 8.49 -36.75 -6.90
N THR A 177 9.73 -36.32 -7.18
CA THR A 177 10.89 -36.39 -6.27
C THR A 177 10.77 -35.50 -5.03
N LEU A 178 9.93 -34.49 -5.17
CA LEU A 178 9.95 -33.36 -4.29
C LEU A 178 8.95 -33.65 -3.17
N THR A 179 9.31 -34.60 -2.29
CA THR A 179 8.40 -35.11 -1.24
C THR A 179 8.24 -34.18 -0.04
N ASN A 180 8.97 -33.05 -0.02
CA ASN A 180 8.72 -31.93 0.90
C ASN A 180 8.03 -30.71 0.31
N LEU A 181 7.60 -30.79 -0.96
CA LEU A 181 7.05 -29.64 -1.67
C LEU A 181 5.66 -29.34 -1.13
N GLU A 182 5.48 -28.12 -0.67
CA GLU A 182 4.18 -27.72 -0.15
C GLU A 182 3.47 -26.67 -0.99
N LEU A 183 4.22 -25.85 -1.72
CA LEU A 183 3.63 -24.82 -2.55
C LEU A 183 4.25 -24.95 -3.93
N LEU A 184 3.38 -25.07 -4.91
CA LEU A 184 3.76 -25.09 -6.32
C LEU A 184 2.87 -24.10 -7.09
N SER A 185 3.52 -23.08 -7.66
CA SER A 185 2.83 -22.06 -8.48
C SER A 185 3.29 -22.14 -9.94
N LEU A 186 2.35 -22.50 -10.79
CA LEU A 186 2.58 -22.57 -12.19
C LEU A 186 1.65 -21.61 -12.95
N SER A 187 0.97 -20.68 -12.26
CA SER A 187 0.05 -19.79 -12.95
C SER A 187 0.69 -18.98 -14.11
N PHE A 188 -0.14 -18.62 -15.08
CA PHE A 188 0.23 -17.71 -16.15
C PHE A 188 1.41 -18.33 -16.93
N ASN A 189 1.18 -19.57 -17.28
CA ASN A 189 2.01 -20.40 -18.17
C ASN A 189 1.02 -21.13 -19.04
N SER A 190 1.40 -21.48 -20.24
CA SER A 190 0.49 -22.33 -21.08
C SER A 190 0.73 -23.83 -20.83
N LEU A 191 -0.13 -24.45 -20.02
CA LEU A 191 0.02 -25.84 -19.57
C LEU A 191 -0.88 -26.86 -20.31
N SER A 192 -2.09 -26.46 -20.64
CA SER A 192 -3.12 -27.32 -21.25
C SER A 192 -3.72 -28.44 -20.38
N HIS A 193 -2.93 -29.08 -19.51
CA HIS A 193 -3.44 -30.16 -18.64
C HIS A 193 -2.77 -30.00 -17.29
N VAL A 194 -3.45 -30.42 -16.23
CA VAL A 194 -2.78 -30.53 -14.94
C VAL A 194 -1.60 -31.52 -14.99
N PRO A 195 -0.42 -31.12 -14.48
CA PRO A 195 0.68 -32.07 -14.61
C PRO A 195 0.38 -33.35 -13.77
N PRO A 196 0.67 -34.52 -14.31
CA PRO A 196 0.59 -35.78 -13.52
C PRO A 196 1.76 -35.92 -12.56
N LYS A 197 1.63 -36.85 -11.62
CA LYS A 197 2.71 -37.16 -10.73
C LYS A 197 3.16 -35.97 -9.87
N LEU A 198 2.16 -35.38 -9.19
CA LEU A 198 2.38 -34.40 -8.22
C LEU A 198 2.53 -35.05 -6.86
N PRO A 199 3.40 -34.51 -6.00
CA PRO A 199 3.67 -35.08 -4.71
C PRO A 199 2.54 -34.77 -3.71
N SER A 200 2.14 -35.76 -2.91
CA SER A 200 1.06 -35.60 -1.93
C SER A 200 1.39 -34.76 -0.67
N SER A 201 2.59 -34.23 -0.61
CA SER A 201 2.97 -33.20 0.32
C SER A 201 2.34 -31.82 0.01
N LEU A 202 1.79 -31.61 -1.20
CA LEU A 202 1.33 -30.25 -1.59
C LEU A 202 0.25 -29.76 -0.67
N ARG A 203 0.38 -28.51 -0.28
CA ARG A 203 -0.62 -27.77 0.43
C ARG A 203 -1.28 -26.72 -0.41
N LYS A 204 -0.50 -26.05 -1.29
CA LYS A 204 -1.03 -24.93 -2.08
C LYS A 204 -0.64 -25.16 -3.53
N LEU A 205 -1.64 -25.21 -4.44
CA LEU A 205 -1.36 -25.45 -5.85
C LEU A 205 -2.07 -24.35 -6.63
N PHE A 206 -1.26 -23.55 -7.32
CA PHE A 206 -1.73 -22.39 -8.12
C PHE A 206 -1.55 -22.70 -9.60
N LEU A 207 -2.66 -22.83 -10.27
CA LEU A 207 -2.71 -23.10 -11.72
C LEU A 207 -3.65 -22.13 -12.45
N SER A 208 -3.57 -20.87 -12.05
CA SER A 208 -4.43 -19.82 -12.66
C SER A 208 -3.95 -19.51 -14.08
N ASN A 209 -4.88 -19.33 -15.03
CA ASN A 209 -4.49 -18.76 -16.31
C ASN A 209 -3.41 -19.66 -16.94
N THR A 210 -3.70 -20.97 -16.96
CA THR A 210 -2.80 -21.98 -17.53
C THR A 210 -3.40 -22.70 -18.78
N GLN A 211 -4.53 -22.20 -19.27
CA GLN A 211 -5.23 -22.75 -20.44
C GLN A 211 -5.64 -24.20 -20.32
N ILE A 212 -6.07 -24.56 -19.15
CA ILE A 212 -6.52 -25.87 -18.85
C ILE A 212 -8.02 -25.77 -19.05
N LYS A 213 -8.61 -26.72 -19.76
CA LYS A 213 -10.05 -26.68 -19.98
C LYS A 213 -10.82 -27.73 -19.28
N TYR A 214 -10.09 -28.74 -18.83
CA TYR A 214 -10.66 -30.00 -18.29
C TYR A 214 -9.84 -30.44 -17.03
N ILE A 215 -10.56 -30.73 -15.96
CA ILE A 215 -10.04 -31.30 -14.71
C ILE A 215 -10.59 -32.73 -14.60
N SER A 216 -9.70 -33.72 -14.64
CA SER A 216 -10.08 -35.13 -14.53
C SER A 216 -10.24 -35.62 -13.10
N GLU A 217 -10.78 -36.81 -13.00
CA GLU A 217 -10.91 -37.48 -11.73
C GLU A 217 -9.54 -37.83 -11.15
N GLU A 218 -8.51 -37.99 -12.02
CA GLU A 218 -7.20 -38.37 -11.58
C GLU A 218 -6.30 -37.19 -11.15
N ASP A 219 -6.63 -35.98 -11.58
CA ASP A 219 -5.71 -34.80 -11.53
C ASP A 219 -5.17 -34.45 -10.14
N PHE A 220 -6.05 -34.52 -9.14
CA PHE A 220 -5.74 -34.15 -7.75
C PHE A 220 -6.03 -35.31 -6.78
N LYS A 221 -6.18 -36.52 -7.31
CA LYS A 221 -6.75 -37.64 -6.49
C LYS A 221 -5.90 -37.98 -5.25
N GLY A 222 -4.59 -37.78 -5.33
CA GLY A 222 -3.71 -38.02 -4.18
C GLY A 222 -3.28 -36.85 -3.31
N LEU A 223 -3.88 -35.68 -3.52
CA LEU A 223 -3.49 -34.46 -2.82
C LEU A 223 -4.29 -34.22 -1.51
N ILE A 224 -4.16 -35.19 -0.59
CA ILE A 224 -4.99 -35.21 0.64
C ILE A 224 -4.55 -34.19 1.72
N ASN A 225 -3.43 -33.55 1.45
CA ASN A 225 -3.00 -32.48 2.28
C ASN A 225 -3.32 -31.02 1.76
N LEU A 226 -3.89 -30.91 0.56
CA LEU A 226 -4.09 -29.62 -0.07
C LEU A 226 -5.04 -28.77 0.74
N THR A 227 -4.62 -27.55 1.00
CA THR A 227 -5.44 -26.50 1.60
C THR A 227 -5.88 -25.41 0.66
N LEU A 228 -5.13 -25.21 -0.42
CA LEU A 228 -5.51 -24.18 -1.40
C LEU A 228 -5.38 -24.73 -2.81
N LEU A 229 -6.44 -24.51 -3.58
CA LEU A 229 -6.44 -24.82 -4.99
C LEU A 229 -6.94 -23.60 -5.80
N ASP A 230 -6.09 -23.17 -6.74
CA ASP A 230 -6.39 -22.00 -7.59
C ASP A 230 -6.48 -22.43 -9.07
N LEU A 231 -7.69 -22.51 -9.58
CA LEU A 231 -7.96 -22.85 -10.97
C LEU A 231 -8.57 -21.68 -11.76
N SER A 232 -8.40 -20.45 -11.28
CA SER A 232 -9.01 -19.25 -11.86
C SER A 232 -8.53 -19.02 -13.27
N GLY A 233 -9.41 -18.47 -14.13
CA GLY A 233 -8.88 -18.00 -15.46
C GLY A 233 -8.61 -19.09 -16.49
N ASN A 234 -9.18 -20.30 -16.27
CA ASN A 234 -9.16 -21.36 -17.19
C ASN A 234 -10.60 -21.45 -17.72
N CYS A 235 -10.75 -21.37 -19.03
CA CYS A 235 -11.98 -21.02 -19.69
C CYS A 235 -12.56 -19.67 -19.19
N PRO A 236 -11.74 -18.59 -19.34
CA PRO A 236 -12.13 -17.32 -18.78
C PRO A 236 -13.34 -16.68 -19.41
N ARG A 237 -14.03 -15.84 -18.63
CA ARG A 237 -15.06 -14.92 -19.07
C ARG A 237 -14.36 -13.66 -19.60
N CYS A 238 -14.32 -13.54 -20.92
CA CYS A 238 -13.41 -12.55 -21.55
C CYS A 238 -14.03 -11.17 -21.85
N PHE A 239 -15.36 -11.05 -21.75
CA PHE A 239 -15.97 -9.73 -22.00
C PHE A 239 -15.36 -8.63 -21.14
N ASN A 240 -14.95 -7.53 -21.76
CA ASN A 240 -14.39 -6.42 -21.03
C ASN A 240 -13.15 -6.69 -20.21
N ALA A 241 -12.35 -7.68 -20.66
CA ALA A 241 -11.14 -8.04 -19.93
C ALA A 241 -10.07 -6.94 -20.05
N PRO A 242 -9.38 -6.64 -18.95
CA PRO A 242 -8.29 -5.68 -18.98
C PRO A 242 -6.94 -6.28 -19.36
N PHE A 243 -7.00 -7.41 -20.02
CA PHE A 243 -5.77 -8.10 -20.56
C PHE A 243 -6.21 -8.91 -21.75
N PRO A 244 -5.25 -9.41 -22.55
CA PRO A 244 -5.56 -10.24 -23.68
C PRO A 244 -6.09 -11.55 -23.15
N CYS A 245 -7.30 -11.92 -23.53
CA CYS A 245 -8.01 -12.98 -22.88
C CYS A 245 -8.51 -13.89 -24.00
N VAL A 246 -8.30 -15.21 -23.79
CA VAL A 246 -8.65 -16.26 -24.72
C VAL A 246 -9.66 -17.24 -24.07
N PRO A 247 -10.91 -17.10 -24.42
CA PRO A 247 -11.96 -17.98 -23.92
C PRO A 247 -11.86 -19.41 -24.45
N CYS A 248 -12.49 -20.35 -23.77
CA CYS A 248 -12.66 -21.73 -24.32
C CYS A 248 -13.64 -21.60 -25.48
N ASP A 249 -13.61 -22.55 -26.40
CA ASP A 249 -14.47 -22.49 -27.59
C ASP A 249 -15.89 -22.27 -27.18
N GLY A 250 -16.52 -21.29 -27.79
CA GLY A 250 -17.92 -21.00 -27.47
C GLY A 250 -18.11 -20.21 -26.21
N GLY A 251 -17.03 -19.81 -25.53
CA GLY A 251 -17.20 -19.23 -24.21
C GLY A 251 -17.65 -20.24 -23.18
N ALA A 252 -17.36 -21.53 -23.46
CA ALA A 252 -17.78 -22.65 -22.61
C ALA A 252 -17.14 -22.56 -21.21
N SER A 253 -17.83 -23.15 -20.26
CA SER A 253 -17.33 -23.39 -18.91
C SER A 253 -16.14 -24.33 -18.86
N ILE A 254 -15.25 -24.09 -17.87
CA ILE A 254 -14.36 -25.10 -17.48
C ILE A 254 -15.20 -26.41 -17.27
N ASN A 255 -14.53 -27.52 -17.55
CA ASN A 255 -15.16 -28.88 -17.41
C ASN A 255 -14.53 -29.65 -16.25
N ILE A 256 -15.21 -29.71 -15.12
CA ILE A 256 -14.61 -30.31 -13.94
C ILE A 256 -15.31 -31.62 -13.65
N ASP A 257 -14.57 -32.69 -13.69
CA ASP A 257 -15.14 -33.99 -13.37
C ASP A 257 -15.88 -34.01 -12.01
N ARG A 258 -17.03 -34.67 -11.97
CA ARG A 258 -17.77 -34.80 -10.70
C ARG A 258 -16.87 -35.17 -9.49
N PHE A 259 -15.88 -36.05 -9.67
CA PHE A 259 -15.06 -36.61 -8.59
C PHE A 259 -13.70 -35.92 -8.51
N ALA A 260 -13.55 -34.80 -9.22
CA ALA A 260 -12.23 -34.11 -9.21
C ALA A 260 -11.68 -33.73 -7.83
N PHE A 261 -12.58 -33.40 -6.92
CA PHE A 261 -12.17 -32.92 -5.62
C PHE A 261 -12.48 -33.95 -4.53
N GLN A 262 -12.66 -35.22 -4.93
CA GLN A 262 -13.14 -36.24 -3.97
C GLN A 262 -12.26 -36.44 -2.73
N ASN A 263 -10.97 -36.28 -2.86
CA ASN A 263 -10.11 -36.49 -1.71
C ASN A 263 -9.50 -35.23 -1.19
N LEU A 264 -10.03 -34.06 -1.54
CA LEU A 264 -9.38 -32.76 -1.10
C LEU A 264 -10.00 -32.28 0.22
N THR A 265 -9.93 -33.18 1.19
CA THR A 265 -10.60 -33.07 2.49
C THR A 265 -10.00 -31.94 3.39
N GLN A 266 -8.76 -31.59 3.12
CA GLN A 266 -8.10 -30.46 3.78
C GLN A 266 -8.30 -29.06 3.11
N LEU A 267 -9.14 -28.97 2.09
CA LEU A 267 -9.24 -27.67 1.39
C LEU A 267 -9.89 -26.59 2.24
N ARG A 268 -9.22 -25.43 2.33
CA ARG A 268 -9.76 -24.21 2.96
C ARG A 268 -9.99 -23.15 1.94
N TYR A 269 -9.14 -23.08 0.91
CA TYR A 269 -9.31 -22.01 -0.15
C TYR A 269 -9.51 -22.60 -1.55
N LEU A 270 -10.52 -22.14 -2.22
CA LEU A 270 -10.83 -22.61 -3.59
C LEU A 270 -11.16 -21.43 -4.49
N ASN A 271 -10.33 -21.28 -5.54
CA ASN A 271 -10.45 -20.12 -6.41
C ASN A 271 -10.86 -20.59 -7.80
N LEU A 272 -12.13 -20.32 -8.12
CA LEU A 272 -12.67 -20.65 -9.46
C LEU A 272 -13.13 -19.40 -10.20
N SER A 273 -12.51 -18.25 -9.95
CA SER A 273 -12.90 -16.99 -10.58
C SER A 273 -12.61 -17.12 -12.05
N SER A 274 -13.50 -16.53 -12.85
CA SER A 274 -13.27 -16.53 -14.33
C SER A 274 -12.95 -17.88 -14.93
N THR A 275 -13.87 -18.83 -14.66
CA THR A 275 -13.86 -20.16 -15.25
C THR A 275 -15.15 -20.41 -16.08
N SER A 276 -15.92 -19.31 -16.30
CA SER A 276 -17.13 -19.35 -17.10
C SER A 276 -18.13 -20.36 -16.59
N LEU A 277 -18.19 -20.55 -15.27
CA LEU A 277 -19.24 -21.36 -14.60
C LEU A 277 -20.62 -20.76 -14.73
N ARG A 278 -21.53 -21.61 -15.17
CA ARG A 278 -22.97 -21.39 -15.07
C ARG A 278 -23.64 -22.28 -14.01
N LYS A 279 -23.02 -23.37 -13.70
CA LYS A 279 -23.53 -24.36 -12.76
C LYS A 279 -22.46 -24.75 -11.78
N ILE A 280 -22.82 -24.83 -10.50
CA ILE A 280 -21.91 -25.40 -9.53
C ILE A 280 -22.44 -26.76 -9.01
N ASN A 281 -21.67 -27.83 -9.15
CA ASN A 281 -22.11 -29.12 -8.59
C ASN A 281 -21.98 -29.13 -7.05
N ALA A 282 -23.10 -29.04 -6.36
CA ALA A 282 -23.05 -29.07 -4.93
C ALA A 282 -22.18 -30.19 -4.33
N ALA A 283 -22.11 -31.33 -4.99
CA ALA A 283 -21.38 -32.45 -4.44
C ALA A 283 -19.88 -32.30 -4.60
N TRP A 284 -19.46 -31.25 -5.31
CA TRP A 284 -18.02 -30.95 -5.29
C TRP A 284 -17.53 -30.65 -3.86
N PHE A 285 -18.42 -30.16 -3.01
CA PHE A 285 -18.10 -29.80 -1.65
C PHE A 285 -18.39 -30.86 -0.58
N LYS A 286 -18.92 -32.01 -0.97
CA LYS A 286 -19.23 -33.12 -0.07
C LYS A 286 -18.06 -33.54 0.77
N ASN A 287 -16.88 -33.57 0.21
CA ASN A 287 -15.69 -33.94 1.02
C ASN A 287 -14.70 -32.82 1.35
N MET A 288 -15.21 -31.60 1.46
CA MET A 288 -14.44 -30.40 1.93
C MET A 288 -15.14 -29.78 3.17
N PRO A 289 -15.09 -30.48 4.29
CA PRO A 289 -15.76 -30.04 5.48
C PRO A 289 -15.09 -28.79 6.08
N HIS A 290 -13.92 -28.41 5.62
CA HIS A 290 -13.19 -27.21 6.21
C HIS A 290 -13.26 -25.95 5.31
N LEU A 291 -13.94 -26.02 4.16
CA LEU A 291 -13.80 -24.89 3.23
C LEU A 291 -14.24 -23.59 3.86
N LYS A 292 -13.35 -22.63 3.72
CA LYS A 292 -13.43 -21.36 4.41
C LYS A 292 -13.52 -20.13 3.48
N VAL A 293 -12.82 -20.16 2.34
CA VAL A 293 -12.83 -19.11 1.34
C VAL A 293 -13.15 -19.65 -0.03
N LEU A 294 -14.24 -19.17 -0.59
CA LEU A 294 -14.70 -19.57 -1.95
C LEU A 294 -14.82 -18.36 -2.86
N ASP A 295 -13.98 -18.38 -3.89
CA ASP A 295 -13.88 -17.28 -4.82
C ASP A 295 -14.48 -17.71 -6.19
N LEU A 296 -15.54 -17.02 -6.57
CA LEU A 296 -16.37 -17.38 -7.76
C LEU A 296 -16.62 -16.11 -8.56
N GLU A 297 -15.70 -15.15 -8.55
CA GLU A 297 -15.88 -13.91 -9.30
C GLU A 297 -15.87 -14.14 -10.83
N PHE A 298 -16.47 -13.24 -11.59
CA PHE A 298 -16.31 -13.21 -13.04
C PHE A 298 -16.77 -14.55 -13.70
N ASN A 299 -17.84 -15.08 -13.18
CA ASN A 299 -18.54 -16.23 -13.77
C ASN A 299 -19.92 -15.85 -14.34
N TYR A 300 -20.84 -16.81 -14.55
CA TYR A 300 -22.15 -16.44 -14.99
C TYR A 300 -23.20 -17.02 -14.03
N LEU A 301 -23.04 -16.68 -12.78
CA LEU A 301 -23.75 -17.40 -11.72
C LEU A 301 -25.01 -16.73 -11.20
N VAL A 302 -25.62 -15.80 -11.94
CA VAL A 302 -26.88 -15.20 -11.46
C VAL A 302 -27.89 -16.29 -11.11
N GLY A 303 -28.01 -17.32 -11.93
CA GLY A 303 -28.99 -18.36 -11.68
C GLY A 303 -28.66 -19.16 -10.44
N GLU A 304 -27.40 -19.56 -10.26
CA GLU A 304 -26.98 -20.22 -8.99
C GLU A 304 -27.10 -19.35 -7.73
N ILE A 305 -26.91 -18.01 -7.84
CA ILE A 305 -27.12 -17.10 -6.71
C ILE A 305 -28.58 -17.17 -6.25
N ALA A 306 -29.45 -17.31 -7.21
CA ALA A 306 -30.91 -17.37 -6.93
C ALA A 306 -31.35 -18.73 -6.43
N SER A 307 -30.67 -19.81 -6.74
CA SER A 307 -31.35 -21.06 -6.39
C SER A 307 -30.40 -22.16 -6.13
N GLY A 308 -29.15 -21.84 -5.79
CA GLY A 308 -28.10 -22.82 -5.79
C GLY A 308 -28.03 -23.79 -4.59
N ALA A 309 -28.08 -25.08 -4.90
CA ALA A 309 -27.92 -26.14 -3.97
C ALA A 309 -26.55 -26.15 -3.26
N PHE A 310 -25.50 -25.67 -3.93
CA PHE A 310 -24.16 -25.62 -3.28
C PHE A 310 -24.11 -24.85 -1.99
N LEU A 311 -25.00 -23.86 -1.84
CA LEU A 311 -25.04 -23.03 -0.62
C LEU A 311 -25.39 -23.83 0.61
N THR A 312 -26.06 -24.97 0.46
CA THR A 312 -26.29 -25.86 1.57
C THR A 312 -25.13 -26.76 2.02
N MET A 313 -24.00 -26.80 1.30
CA MET A 313 -22.93 -27.75 1.55
C MET A 313 -21.71 -27.06 2.20
N LEU A 314 -21.90 -25.83 2.70
CA LEU A 314 -20.71 -24.97 3.11
C LEU A 314 -20.89 -24.34 4.51
N PRO A 315 -21.12 -25.17 5.51
CA PRO A 315 -21.49 -24.58 6.80
C PRO A 315 -20.28 -23.95 7.57
N ARG A 316 -19.08 -24.18 7.12
CA ARG A 316 -17.89 -23.52 7.70
C ARG A 316 -17.27 -22.35 6.88
N LEU A 317 -17.93 -22.02 5.79
CA LEU A 317 -17.45 -20.99 4.91
C LEU A 317 -17.52 -19.64 5.56
N GLU A 318 -16.38 -18.92 5.53
CA GLU A 318 -16.30 -17.60 6.07
C GLU A 318 -16.38 -16.45 5.07
N ILE A 319 -15.79 -16.61 3.89
CA ILE A 319 -15.72 -15.61 2.86
C ILE A 319 -16.25 -16.24 1.53
N LEU A 320 -17.29 -15.58 1.01
CA LEU A 320 -17.82 -15.91 -0.27
C LEU A 320 -17.71 -14.70 -1.22
N ASP A 321 -16.95 -14.85 -2.30
CA ASP A 321 -16.84 -13.81 -3.34
C ASP A 321 -17.56 -14.19 -4.62
N LEU A 322 -18.67 -13.49 -4.85
CA LEU A 322 -19.50 -13.68 -6.04
C LEU A 322 -19.52 -12.47 -6.90
N SER A 323 -18.48 -11.68 -6.80
CA SER A 323 -18.47 -10.42 -7.50
C SER A 323 -18.39 -10.59 -9.08
N PHE A 324 -18.94 -9.64 -9.83
CA PHE A 324 -18.89 -9.64 -11.30
C PHE A 324 -19.52 -10.87 -11.99
N ASN A 325 -20.68 -11.22 -11.48
CA ASN A 325 -21.50 -12.23 -12.07
C ASN A 325 -22.68 -11.71 -12.88
N TYR A 326 -22.63 -10.41 -13.19
CA TYR A 326 -23.74 -9.74 -13.94
C TYR A 326 -24.00 -10.44 -15.25
N ILE A 327 -25.22 -10.35 -15.66
CA ILE A 327 -25.66 -10.74 -17.03
C ILE A 327 -25.49 -9.56 -17.97
N LYS A 328 -24.68 -9.74 -19.00
CA LYS A 328 -24.41 -8.64 -19.87
C LYS A 328 -25.73 -8.09 -20.47
N GLY A 329 -25.86 -6.78 -20.45
CA GLY A 329 -27.05 -6.10 -20.93
C GLY A 329 -28.23 -6.10 -19.99
N SER A 330 -28.11 -6.69 -18.81
CA SER A 330 -29.25 -6.79 -17.91
C SER A 330 -29.12 -5.92 -16.67
N TYR A 331 -30.19 -5.17 -16.35
CA TYR A 331 -30.23 -4.28 -15.24
C TYR A 331 -31.49 -4.55 -14.49
N PRO A 332 -31.53 -5.67 -13.80
CA PRO A 332 -32.77 -6.03 -13.12
C PRO A 332 -33.16 -5.06 -12.01
N GLN A 333 -34.45 -4.99 -11.76
CA GLN A 333 -34.89 -4.20 -10.65
C GLN A 333 -34.24 -4.58 -9.29
N HIS A 334 -34.23 -5.90 -8.99
CA HIS A 334 -33.82 -6.42 -7.67
C HIS A 334 -32.78 -7.48 -7.83
N ILE A 335 -31.97 -7.67 -6.80
CA ILE A 335 -31.06 -8.81 -6.64
C ILE A 335 -31.86 -10.00 -6.13
N ASN A 336 -31.54 -11.19 -6.62
CA ASN A 336 -32.25 -12.40 -6.26
C ASN A 336 -31.36 -13.41 -5.56
N ILE A 337 -31.45 -13.39 -4.25
CA ILE A 337 -30.60 -14.19 -3.33
C ILE A 337 -31.47 -15.41 -2.90
N SER A 338 -30.90 -16.61 -3.10
CA SER A 338 -31.54 -17.88 -2.66
C SER A 338 -31.76 -17.89 -1.15
N ARG A 339 -32.88 -18.47 -0.74
CA ARG A 339 -33.04 -18.77 0.69
C ARG A 339 -31.92 -19.60 1.24
N ASN A 340 -31.23 -20.37 0.40
CA ASN A 340 -30.16 -21.22 0.92
C ASN A 340 -28.98 -20.46 1.41
N PHE A 341 -28.90 -19.16 1.12
CA PHE A 341 -27.86 -18.33 1.81
C PHE A 341 -27.94 -18.44 3.35
N SER A 342 -29.14 -18.67 3.88
CA SER A 342 -29.35 -18.89 5.33
C SER A 342 -28.65 -20.10 5.91
N LYS A 343 -28.08 -20.95 5.08
CA LYS A 343 -27.35 -22.11 5.57
C LYS A 343 -25.87 -21.88 5.71
N LEU A 344 -25.43 -20.66 5.39
CA LEU A 344 -24.02 -20.33 5.47
C LEU A 344 -23.68 -19.80 6.84
N LEU A 345 -23.78 -20.72 7.82
CA LEU A 345 -23.80 -20.31 9.22
C LEU A 345 -22.56 -19.60 9.71
N SER A 346 -21.38 -19.89 9.15
CA SER A 346 -20.17 -19.26 9.55
C SER A 346 -19.80 -18.02 8.74
N LEU A 347 -20.64 -17.62 7.81
CA LEU A 347 -20.24 -16.53 6.86
C LEU A 347 -19.88 -15.24 7.61
N ARG A 348 -18.73 -14.66 7.26
CA ARG A 348 -18.30 -13.39 7.82
C ARG A 348 -18.33 -12.23 6.82
N ALA A 349 -18.02 -12.53 5.54
CA ALA A 349 -17.98 -11.53 4.51
C ALA A 349 -18.61 -12.08 3.23
N LEU A 350 -19.48 -11.26 2.67
CA LEU A 350 -20.15 -11.55 1.37
C LEU A 350 -19.86 -10.43 0.38
N HIS A 351 -19.18 -10.72 -0.72
CA HIS A 351 -18.82 -9.75 -1.74
C HIS A 351 -19.74 -10.04 -2.97
N LEU A 352 -20.56 -9.07 -3.28
CA LEU A 352 -21.49 -9.10 -4.39
C LEU A 352 -21.36 -7.82 -5.20
N ARG A 353 -20.14 -7.44 -5.49
CA ARG A 353 -19.91 -6.33 -6.46
C ARG A 353 -20.34 -6.80 -7.84
N GLY A 354 -20.74 -5.85 -8.68
CA GLY A 354 -20.88 -6.14 -10.08
C GLY A 354 -21.94 -7.18 -10.39
N TYR A 355 -22.98 -7.26 -9.58
CA TYR A 355 -24.19 -8.06 -9.99
C TYR A 355 -25.08 -7.22 -10.94
N VAL A 356 -25.23 -5.92 -10.59
CA VAL A 356 -25.81 -4.86 -11.43
C VAL A 356 -27.32 -4.94 -11.28
N PHE A 357 -27.86 -4.03 -10.51
CA PHE A 357 -29.30 -4.02 -10.20
C PHE A 357 -29.75 -2.68 -9.64
N GLN A 358 -31.05 -2.40 -9.72
CA GLN A 358 -31.47 -1.03 -9.52
C GLN A 358 -31.83 -0.62 -8.11
N GLU A 359 -32.36 -1.53 -7.35
CA GLU A 359 -32.92 -1.16 -6.07
C GLU A 359 -32.72 -2.26 -5.03
N LEU A 360 -32.31 -1.91 -3.82
CA LEU A 360 -32.13 -2.87 -2.76
C LEU A 360 -33.28 -2.74 -1.74
N ARG A 361 -34.16 -3.74 -1.65
CA ARG A 361 -35.29 -3.71 -0.74
C ARG A 361 -35.06 -4.64 0.42
N GLU A 362 -35.68 -4.38 1.56
CA GLU A 362 -35.53 -5.26 2.73
C GLU A 362 -35.85 -6.72 2.45
N ASP A 363 -36.90 -6.98 1.69
CA ASP A 363 -37.23 -8.41 1.48
C ASP A 363 -36.14 -9.19 0.74
N ASP A 364 -35.35 -8.48 -0.04
CA ASP A 364 -34.42 -9.10 -0.90
C ASP A 364 -33.21 -9.75 -0.11
N PHE A 365 -32.84 -9.19 1.03
CA PHE A 365 -31.75 -9.75 1.86
C PHE A 365 -32.27 -10.53 3.07
N GLN A 366 -33.56 -10.90 3.11
CA GLN A 366 -34.06 -11.77 4.24
C GLN A 366 -33.17 -12.97 4.53
N PRO A 367 -32.66 -13.68 3.51
CA PRO A 367 -31.87 -14.85 3.85
C PRO A 367 -30.59 -14.62 4.57
N LEU A 368 -30.08 -13.40 4.60
CA LEU A 368 -28.83 -13.08 5.29
C LEU A 368 -29.01 -12.65 6.70
N MET A 369 -30.26 -12.36 7.08
CA MET A 369 -30.50 -11.58 8.28
C MET A 369 -30.30 -12.29 9.60
N GLN A 370 -30.31 -13.62 9.60
CA GLN A 370 -30.03 -14.38 10.83
C GLN A 370 -28.61 -14.93 10.92
N LEU A 371 -27.71 -14.65 9.95
CA LEU A 371 -26.43 -15.21 10.01
C LEU A 371 -25.71 -14.45 11.11
N PRO A 372 -25.16 -15.16 12.09
CA PRO A 372 -24.74 -14.43 13.33
C PRO A 372 -23.40 -13.68 13.20
N ASN A 373 -22.57 -14.13 12.27
CA ASN A 373 -21.25 -13.56 12.08
C ASN A 373 -21.02 -12.75 10.81
N LEU A 374 -22.08 -12.53 10.02
CA LEU A 374 -21.95 -11.76 8.77
C LEU A 374 -21.67 -10.31 9.14
N SER A 375 -20.41 -9.94 9.08
CA SER A 375 -19.99 -8.62 9.48
C SER A 375 -19.74 -7.65 8.32
N THR A 376 -19.35 -8.16 7.13
CA THR A 376 -19.09 -7.35 5.94
C THR A 376 -20.04 -7.69 4.83
N ILE A 377 -20.71 -6.67 4.32
CA ILE A 377 -21.53 -6.77 3.05
C ILE A 377 -20.99 -5.72 2.06
N ASN A 378 -20.54 -6.21 0.91
CA ASN A 378 -19.90 -5.42 -0.13
C ASN A 378 -20.79 -5.43 -1.36
N LEU A 379 -21.37 -4.29 -1.70
CA LEU A 379 -22.30 -4.12 -2.82
C LEU A 379 -21.76 -3.02 -3.72
N GLY A 380 -20.46 -2.90 -3.73
CA GLY A 380 -19.81 -1.99 -4.65
C GLY A 380 -20.16 -2.24 -6.11
N ILE A 381 -20.21 -1.15 -6.91
CA ILE A 381 -20.21 -1.21 -8.35
C ILE A 381 -21.40 -2.06 -8.80
N ASN A 382 -22.60 -1.67 -8.34
CA ASN A 382 -23.87 -2.29 -8.77
C ASN A 382 -24.84 -1.42 -9.52
N PHE A 383 -24.46 -0.16 -9.67
CA PHE A 383 -25.33 0.88 -10.20
C PHE A 383 -26.65 1.01 -9.50
N ILE A 384 -26.63 0.77 -8.21
CA ILE A 384 -27.86 0.81 -7.41
C ILE A 384 -28.30 2.27 -7.30
N LYS A 385 -29.56 2.49 -7.55
CA LYS A 385 -30.14 3.84 -7.54
C LYS A 385 -30.88 4.12 -6.23
N GLN A 386 -31.34 3.10 -5.53
CA GLN A 386 -32.16 3.32 -4.33
C GLN A 386 -31.97 2.14 -3.39
N ILE A 387 -31.84 2.47 -2.10
CA ILE A 387 -31.64 1.52 -1.02
C ILE A 387 -32.65 1.81 0.11
N ASP A 388 -33.30 0.74 0.59
CA ASP A 388 -34.14 0.80 1.81
C ASP A 388 -33.22 0.67 3.01
N PHE A 389 -32.65 1.77 3.51
CA PHE A 389 -31.58 1.71 4.51
C PHE A 389 -31.95 1.03 5.81
N LYS A 390 -33.23 1.03 6.18
CA LYS A 390 -33.66 0.37 7.41
C LYS A 390 -33.30 -1.11 7.46
N LEU A 391 -33.03 -1.71 6.32
CA LEU A 391 -32.74 -3.17 6.24
C LEU A 391 -31.50 -3.61 6.96
N PHE A 392 -30.51 -2.71 7.08
CA PHE A 392 -29.21 -3.07 7.61
C PHE A 392 -29.25 -3.33 9.10
N GLN A 393 -30.14 -2.64 9.81
CA GLN A 393 -30.24 -2.79 11.22
C GLN A 393 -30.97 -4.09 11.59
N ASN A 394 -31.64 -4.71 10.62
CA ASN A 394 -32.24 -6.00 10.88
C ASN A 394 -31.31 -7.21 10.62
N PHE A 395 -30.09 -6.97 10.11
CA PHE A 395 -29.07 -8.00 10.13
C PHE A 395 -28.67 -8.23 11.57
N SER A 396 -27.98 -9.33 11.82
CA SER A 396 -27.65 -9.68 13.17
C SER A 396 -26.65 -8.73 13.76
N ASN A 397 -25.61 -8.45 13.00
CA ASN A 397 -24.56 -7.52 13.42
C ASN A 397 -23.57 -7.12 12.27
N LEU A 398 -24.00 -6.28 11.34
CA LEU A 398 -23.08 -5.77 10.34
C LEU A 398 -22.13 -4.75 10.98
N GLU A 399 -20.85 -4.82 10.61
CA GLU A 399 -19.83 -3.83 10.98
C GLU A 399 -19.30 -2.99 9.79
N ILE A 400 -19.48 -3.49 8.56
CA ILE A 400 -18.97 -2.82 7.32
C ILE A 400 -20.13 -2.92 6.30
N ILE A 401 -20.77 -1.82 5.98
CA ILE A 401 -21.84 -1.73 4.97
C ILE A 401 -21.25 -0.94 3.85
N TYR A 402 -20.77 -1.64 2.84
CA TYR A 402 -19.97 -1.02 1.84
C TYR A 402 -20.79 -0.84 0.58
N LEU A 403 -21.21 0.39 0.33
CA LEU A 403 -22.05 0.79 -0.82
C LEU A 403 -21.34 1.79 -1.74
N SER A 404 -20.02 1.86 -1.68
CA SER A 404 -19.27 2.74 -2.54
C SER A 404 -19.46 2.43 -4.02
N GLU A 405 -19.47 3.49 -4.83
CA GLU A 405 -19.48 3.37 -6.26
C GLU A 405 -20.82 2.75 -6.77
N ASN A 406 -21.87 3.45 -6.53
CA ASN A 406 -23.19 3.11 -7.04
C ASN A 406 -23.82 4.36 -7.65
N ARG A 407 -25.15 4.42 -7.75
CA ARG A 407 -25.85 5.59 -8.32
C ARG A 407 -26.90 6.07 -7.35
N ILE A 408 -26.57 6.03 -6.04
CA ILE A 408 -27.52 6.50 -4.97
C ILE A 408 -27.58 8.04 -5.00
N SER A 409 -28.77 8.62 -4.85
CA SER A 409 -28.90 10.07 -4.88
C SER A 409 -29.78 10.37 -3.65
N PRO A 410 -30.12 11.64 -3.45
CA PRO A 410 -30.73 12.02 -2.14
C PRO A 410 -32.07 11.41 -1.95
N LEU A 411 -32.34 10.98 -0.72
CA LEU A 411 -33.56 10.18 -0.46
C LEU A 411 -34.82 10.89 -0.91
N PHE A 437 6.10 -4.96 -16.75
CA PHE A 437 4.87 -5.77 -16.60
C PHE A 437 3.81 -5.10 -15.69
N GLU A 438 2.55 -5.18 -16.10
CA GLU A 438 1.43 -4.42 -15.48
C GLU A 438 0.82 -5.00 -14.19
N PHE A 439 0.83 -6.33 -14.04
CA PHE A 439 0.15 -6.99 -12.94
C PHE A 439 1.17 -7.50 -11.95
N ASP A 440 0.94 -7.19 -10.69
CA ASP A 440 1.85 -7.63 -9.63
C ASP A 440 1.69 -9.14 -9.46
N PRO A 441 2.72 -9.92 -9.79
CA PRO A 441 2.64 -11.39 -9.68
C PRO A 441 2.50 -11.94 -8.25
N HIS A 442 2.64 -11.08 -7.24
CA HIS A 442 2.47 -11.45 -5.84
C HIS A 442 1.17 -10.95 -5.30
N SER A 443 0.27 -10.42 -6.13
CA SER A 443 -1.05 -9.96 -5.57
C SER A 443 -2.18 -10.78 -6.18
N ASN A 444 -3.37 -10.60 -5.67
CA ASN A 444 -4.59 -11.16 -6.34
C ASN A 444 -4.82 -10.50 -7.69
N PHE A 445 -5.18 -11.29 -8.69
CA PHE A 445 -5.37 -10.80 -10.04
C PHE A 445 -6.78 -10.19 -10.25
N TYR A 446 -7.75 -10.67 -9.50
CA TYR A 446 -9.15 -10.37 -9.81
C TYR A 446 -9.74 -9.22 -8.98
N HIS A 447 -9.10 -8.91 -7.83
CA HIS A 447 -9.54 -7.78 -6.99
C HIS A 447 -8.38 -7.21 -6.18
N PHE A 448 -8.57 -5.99 -5.71
CA PHE A 448 -7.63 -5.37 -4.75
C PHE A 448 -7.77 -6.03 -3.40
N THR A 449 -6.67 -6.08 -2.65
CA THR A 449 -6.65 -6.74 -1.36
C THR A 449 -6.58 -5.74 -0.21
N ARG A 450 -6.38 -4.46 -0.46
CA ARG A 450 -6.52 -3.47 0.64
C ARG A 450 -7.90 -3.58 1.37
N PRO A 451 -7.93 -3.16 2.63
CA PRO A 451 -9.18 -3.15 3.38
C PRO A 451 -10.24 -2.30 2.68
N LEU A 452 -11.50 -2.73 2.73
CA LEU A 452 -12.57 -1.95 2.13
C LEU A 452 -12.71 -0.53 2.73
N ILE A 453 -12.52 -0.41 4.05
CA ILE A 453 -12.65 0.84 4.82
C ILE A 453 -11.31 1.08 5.47
N LYS A 454 -10.83 2.29 5.47
CA LYS A 454 -9.57 2.55 6.22
C LYS A 454 -9.57 2.05 7.62
N PRO A 455 -8.48 1.33 8.00
CA PRO A 455 -8.51 0.75 9.37
C PRO A 455 -8.66 1.78 10.45
N GLN A 456 -8.04 2.96 10.28
CA GLN A 456 -8.27 4.10 11.27
C GLN A 456 -9.71 4.56 11.48
N CYS A 457 -10.58 4.34 10.48
CA CYS A 457 -11.97 4.75 10.58
C CYS A 457 -12.71 3.53 11.11
N ALA A 458 -12.43 2.40 10.51
CA ALA A 458 -13.10 1.15 10.97
C ALA A 458 -12.81 0.80 12.43
N ALA A 459 -11.69 1.20 12.99
CA ALA A 459 -11.41 0.90 14.39
C ALA A 459 -12.42 1.52 15.33
N TYR A 460 -13.11 2.59 14.93
CA TYR A 460 -14.10 3.23 15.83
C TYR A 460 -15.38 2.50 16.06
N GLY A 461 -15.76 1.64 15.12
CA GLY A 461 -16.98 0.83 15.23
C GLY A 461 -17.67 0.65 13.89
N LYS A 462 -18.97 0.62 13.88
CA LYS A 462 -19.73 0.27 12.66
C LYS A 462 -19.49 1.31 11.53
N ALA A 463 -19.32 0.83 10.30
CA ALA A 463 -18.89 1.71 9.23
C ALA A 463 -19.88 1.68 8.10
N LEU A 464 -20.21 2.85 7.53
CA LEU A 464 -21.10 2.92 6.39
C LEU A 464 -20.33 3.70 5.33
N ASP A 465 -20.10 3.11 4.17
CA ASP A 465 -19.30 3.75 3.14
C ASP A 465 -20.26 4.05 1.98
N LEU A 466 -20.57 5.31 1.74
CA LEU A 466 -21.44 5.71 0.65
C LEU A 466 -20.65 6.58 -0.36
N SER A 467 -19.34 6.40 -0.39
CA SER A 467 -18.53 7.18 -1.31
C SER A 467 -18.85 6.95 -2.75
N LEU A 468 -18.60 7.94 -3.59
CA LEU A 468 -18.66 7.80 -5.05
C LEU A 468 -20.07 7.52 -5.50
N ASN A 469 -21.03 8.12 -4.80
CA ASN A 469 -22.39 8.16 -5.29
C ASN A 469 -22.78 9.59 -5.66
N SER A 470 -24.08 9.86 -5.77
CA SER A 470 -24.57 11.20 -6.14
C SER A 470 -25.46 11.79 -5.05
N ILE A 471 -25.05 11.64 -3.78
CA ILE A 471 -25.80 12.22 -2.65
C ILE A 471 -25.32 13.68 -2.48
N PHE A 472 -25.85 14.55 -3.34
CA PHE A 472 -25.36 15.94 -3.53
C PHE A 472 -25.89 16.95 -2.54
N PHE A 473 -26.89 16.57 -1.77
CA PHE A 473 -27.24 17.28 -0.57
C PHE A 473 -27.74 16.27 0.44
N ILE A 474 -27.78 16.68 1.72
CA ILE A 474 -28.29 15.85 2.80
C ILE A 474 -29.66 16.36 3.31
N GLY A 475 -30.72 15.64 2.96
CA GLY A 475 -32.07 15.94 3.39
C GLY A 475 -32.34 15.51 4.79
N PRO A 476 -33.51 15.94 5.37
CA PRO A 476 -33.65 15.74 6.80
C PRO A 476 -33.80 14.31 7.23
N ASN A 477 -34.14 13.39 6.29
CA ASN A 477 -34.35 11.96 6.60
C ASN A 477 -33.34 10.96 6.05
N GLN A 478 -32.25 11.46 5.45
CA GLN A 478 -31.31 10.60 4.73
C GLN A 478 -30.76 9.47 5.56
N PHE A 479 -30.43 9.76 6.84
CA PHE A 479 -29.87 8.78 7.74
C PHE A 479 -30.78 8.11 8.75
N GLU A 480 -32.09 8.20 8.54
CA GLU A 480 -33.07 7.56 9.41
C GLU A 480 -32.86 6.03 9.42
N ASN A 481 -33.23 5.38 10.51
CA ASN A 481 -33.26 3.93 10.70
C ASN A 481 -31.94 3.15 10.48
N LEU A 482 -30.82 3.80 10.76
CA LEU A 482 -29.51 3.22 10.56
C LEU A 482 -29.01 2.71 11.89
N PRO A 483 -28.04 1.77 11.88
CA PRO A 483 -27.36 1.41 13.13
C PRO A 483 -26.57 2.63 13.64
N ASP A 484 -26.05 2.53 14.84
CA ASP A 484 -25.19 3.52 15.46
C ASP A 484 -23.85 3.50 14.74
N ILE A 485 -23.84 4.19 13.64
CA ILE A 485 -22.65 4.38 12.82
C ILE A 485 -21.53 5.21 13.50
N ALA A 486 -20.31 4.66 13.53
CA ALA A 486 -19.13 5.36 14.07
C ALA A 486 -18.18 5.90 12.99
N CYS A 487 -18.28 5.29 11.80
CA CYS A 487 -17.31 5.56 10.66
C CYS A 487 -18.19 5.78 9.45
N LEU A 488 -18.18 7.03 8.94
CA LEU A 488 -19.02 7.40 7.81
C LEU A 488 -18.18 8.00 6.68
N ASN A 489 -18.39 7.48 5.46
CA ASN A 489 -17.65 7.91 4.29
C ASN A 489 -18.59 8.49 3.28
N LEU A 490 -18.55 9.81 3.15
CA LEU A 490 -19.34 10.52 2.13
C LEU A 490 -18.47 11.14 1.08
N SER A 491 -17.29 10.56 0.91
CA SER A 491 -16.32 11.12 -0.10
C SER A 491 -16.93 11.08 -1.48
N ALA A 492 -16.70 12.12 -2.25
CA ALA A 492 -16.93 12.06 -3.74
C ALA A 492 -18.39 11.82 -4.08
N ASN A 493 -19.25 12.58 -3.40
CA ASN A 493 -20.63 12.64 -3.76
C ASN A 493 -21.07 13.97 -4.41
N SER A 494 -20.08 14.83 -4.73
CA SER A 494 -20.33 16.22 -5.21
C SER A 494 -21.35 16.93 -4.34
N ASN A 495 -21.18 16.75 -3.05
CA ASN A 495 -22.15 17.31 -2.11
C ASN A 495 -21.92 18.80 -1.85
N ALA A 496 -22.98 19.61 -1.95
CA ALA A 496 -22.90 21.08 -1.88
C ALA A 496 -23.72 21.59 -0.70
N GLN A 497 -24.02 20.72 0.23
CA GLN A 497 -24.87 21.08 1.37
C GLN A 497 -24.30 22.25 2.20
N VAL A 498 -25.20 23.10 2.75
CA VAL A 498 -24.84 23.97 3.79
C VAL A 498 -25.08 23.16 5.06
N LEU A 499 -24.02 22.59 5.61
CA LEU A 499 -24.17 21.85 6.88
C LEU A 499 -24.57 22.82 8.00
N SER A 500 -25.57 22.45 8.82
CA SER A 500 -26.14 23.44 9.73
C SER A 500 -26.40 22.94 11.16
N GLY A 501 -25.91 21.75 11.51
CA GLY A 501 -26.07 21.22 12.87
C GLY A 501 -27.20 20.22 13.07
N THR A 502 -27.92 19.84 12.03
CA THR A 502 -28.96 18.84 12.10
C THR A 502 -28.85 17.67 11.15
N GLU A 503 -27.94 17.73 10.17
CA GLU A 503 -27.98 16.75 9.10
C GLU A 503 -27.63 15.29 9.55
N PHE A 504 -26.82 15.19 10.59
CA PHE A 504 -26.42 13.87 11.12
C PHE A 504 -27.09 13.56 12.44
N SER A 505 -28.23 14.21 12.76
CA SER A 505 -28.88 13.97 14.01
C SER A 505 -29.31 12.52 14.23
N ALA A 506 -29.64 11.77 13.19
CA ALA A 506 -30.07 10.40 13.33
C ALA A 506 -28.87 9.44 13.55
N ILE A 507 -27.65 9.91 13.30
CA ILE A 507 -26.44 9.11 13.54
C ILE A 507 -25.41 10.03 14.25
N PRO A 508 -25.79 10.51 15.45
CA PRO A 508 -25.08 11.58 16.16
C PRO A 508 -23.77 11.15 16.80
N HIS A 509 -23.42 9.86 16.75
CA HIS A 509 -22.21 9.38 17.40
C HIS A 509 -21.10 9.00 16.41
N VAL A 510 -21.18 9.55 15.20
CA VAL A 510 -20.02 9.42 14.28
C VAL A 510 -18.71 9.96 14.93
N LYS A 511 -17.65 9.16 14.94
CA LYS A 511 -16.32 9.49 15.45
C LYS A 511 -15.28 9.81 14.33
N TYR A 512 -15.52 9.31 13.14
CA TYR A 512 -14.53 9.51 12.01
C TYR A 512 -15.38 9.80 10.81
N LEU A 513 -15.32 11.06 10.36
CA LEU A 513 -16.17 11.45 9.24
C LEU A 513 -15.33 11.85 8.04
N ASP A 514 -15.64 11.20 6.91
CA ASP A 514 -14.85 11.46 5.63
C ASP A 514 -15.81 12.18 4.71
N LEU A 515 -15.55 13.50 4.55
CA LEU A 515 -16.27 14.32 3.59
C LEU A 515 -15.41 14.83 2.45
N THR A 516 -14.37 14.11 2.15
CA THR A 516 -13.49 14.56 1.10
C THR A 516 -14.10 14.59 -0.31
N ASN A 517 -13.47 15.44 -1.14
CA ASN A 517 -13.81 15.45 -2.58
C ASN A 517 -15.28 15.77 -2.79
N ASN A 518 -15.80 16.75 -2.06
CA ASN A 518 -17.12 17.21 -2.31
C ASN A 518 -17.03 18.70 -2.71
N ARG A 519 -18.11 19.45 -2.51
CA ARG A 519 -18.20 20.89 -2.78
C ARG A 519 -19.02 21.49 -1.63
N LEU A 520 -18.60 21.19 -0.39
CA LEU A 520 -19.31 21.73 0.78
C LEU A 520 -19.34 23.26 0.80
N ASP A 521 -20.48 23.81 1.22
CA ASP A 521 -20.70 25.23 1.29
C ASP A 521 -20.82 25.67 2.75
N PHE A 522 -19.78 26.27 3.31
CA PHE A 522 -19.69 26.58 4.73
C PHE A 522 -20.29 27.97 5.03
N ASP A 523 -21.60 28.04 4.91
CA ASP A 523 -22.36 29.25 5.12
C ASP A 523 -23.00 29.25 6.50
N ASN A 524 -22.80 28.24 7.33
CA ASN A 524 -23.47 28.27 8.61
C ASN A 524 -22.50 27.82 9.70
N ALA A 525 -22.27 28.70 10.67
CA ALA A 525 -21.31 28.46 11.74
C ALA A 525 -21.58 27.27 12.65
N SER A 526 -22.80 26.73 12.61
CA SER A 526 -23.16 25.53 13.37
C SER A 526 -22.97 24.15 12.71
N ALA A 527 -22.42 24.14 11.50
CA ALA A 527 -22.10 22.91 10.80
C ALA A 527 -21.52 21.84 11.70
N LEU A 528 -22.06 20.64 11.59
CA LEU A 528 -21.48 19.46 12.21
C LEU A 528 -21.48 19.42 13.73
N THR A 529 -22.09 20.40 14.37
CA THR A 529 -21.99 20.56 15.84
C THR A 529 -22.89 19.51 16.54
N GLU A 530 -23.80 18.84 15.84
CA GLU A 530 -24.51 17.71 16.45
C GLU A 530 -23.61 16.47 16.72
N LEU A 531 -22.46 16.39 16.07
CA LEU A 531 -21.52 15.24 16.23
C LEU A 531 -20.56 15.47 17.40
N SER A 532 -21.10 15.33 18.61
CA SER A 532 -20.32 15.70 19.80
C SER A 532 -19.11 14.83 20.06
N ASP A 533 -19.15 13.57 19.65
CA ASP A 533 -18.08 12.60 19.83
C ASP A 533 -17.06 12.60 18.69
N LEU A 534 -17.16 13.56 17.77
CA LEU A 534 -16.31 13.46 16.56
C LEU A 534 -14.82 13.60 16.97
N GLU A 535 -14.00 12.70 16.45
CA GLU A 535 -12.56 12.73 16.72
C GLU A 535 -11.73 12.97 15.49
N VAL A 536 -12.24 12.59 14.33
CA VAL A 536 -11.46 12.76 13.07
C VAL A 536 -12.37 13.33 12.04
N LEU A 537 -11.95 14.45 11.50
CA LEU A 537 -12.74 15.06 10.41
C LEU A 537 -11.90 15.29 9.19
N ASP A 538 -12.33 14.73 8.07
CA ASP A 538 -11.57 14.89 6.77
C ASP A 538 -12.41 15.72 5.78
N LEU A 539 -11.94 16.96 5.60
CA LEU A 539 -12.54 17.91 4.68
C LEU A 539 -11.68 18.18 3.46
N SER A 540 -10.71 17.31 3.18
CA SER A 540 -9.81 17.52 2.05
C SER A 540 -10.55 17.67 0.71
N TYR A 541 -9.99 18.45 -0.24
CA TYR A 541 -10.59 18.57 -1.61
C TYR A 541 -12.05 19.01 -1.65
N ASN A 542 -12.38 20.04 -0.87
CA ASN A 542 -13.60 20.80 -0.97
C ASN A 542 -13.31 22.24 -1.44
N SER A 543 -12.42 22.39 -2.41
CA SER A 543 -12.03 23.75 -2.89
C SER A 543 -13.17 24.54 -3.59
N HIS A 544 -14.18 23.87 -4.07
CA HIS A 544 -15.20 24.49 -4.88
C HIS A 544 -15.65 25.85 -4.40
N TYR A 545 -16.18 25.97 -3.14
CA TYR A 545 -16.68 27.24 -2.75
C TYR A 545 -15.54 28.09 -2.14
N PHE A 546 -14.52 27.43 -1.60
CA PHE A 546 -13.46 28.19 -0.97
C PHE A 546 -12.73 29.07 -1.94
N ARG A 547 -12.66 28.66 -3.23
CA ARG A 547 -11.95 29.43 -4.19
C ARG A 547 -12.70 30.69 -4.61
N ILE A 548 -13.97 30.77 -4.26
CA ILE A 548 -14.78 31.93 -4.64
C ILE A 548 -14.80 33.01 -3.52
N ALA A 549 -14.26 34.23 -3.79
CA ALA A 549 -14.15 35.24 -2.71
C ALA A 549 -15.52 35.77 -2.22
N GLY A 550 -16.50 35.80 -3.11
CA GLY A 550 -17.73 36.49 -2.79
C GLY A 550 -18.75 35.65 -2.09
N VAL A 551 -18.52 34.32 -1.96
CA VAL A 551 -19.39 33.55 -1.09
C VAL A 551 -18.76 33.53 0.33
N THR A 552 -19.58 33.22 1.31
CA THR A 552 -19.13 33.14 2.65
C THR A 552 -18.39 31.82 2.94
N HIS A 553 -17.46 31.87 3.87
CA HIS A 553 -16.72 30.71 4.33
C HIS A 553 -16.56 30.73 5.86
N HIS A 554 -17.40 29.97 6.57
CA HIS A 554 -17.44 29.94 8.04
C HIS A 554 -16.83 28.66 8.61
N LEU A 555 -15.70 28.82 9.30
CA LEU A 555 -15.07 27.66 9.93
C LEU A 555 -15.14 27.74 11.49
N GLU A 556 -16.13 28.47 11.99
CA GLU A 556 -16.30 28.65 13.45
C GLU A 556 -16.55 27.38 14.21
N PHE A 557 -17.25 26.47 13.55
CA PHE A 557 -17.69 25.24 14.15
C PHE A 557 -16.57 24.39 14.72
N ILE A 558 -15.33 24.56 14.28
CA ILE A 558 -14.26 23.71 14.69
C ILE A 558 -14.10 23.80 16.21
N GLN A 559 -14.40 24.97 16.78
CA GLN A 559 -14.25 25.18 18.24
C GLN A 559 -15.25 24.39 19.05
N ASN A 560 -16.35 23.96 18.46
CA ASN A 560 -17.41 23.31 19.23
C ASN A 560 -17.12 21.86 19.66
N PHE A 561 -16.15 21.21 19.05
CA PHE A 561 -15.89 19.80 19.30
C PHE A 561 -14.96 19.63 20.51
N THR A 562 -15.39 18.88 21.54
CA THR A 562 -14.60 18.69 22.73
C THR A 562 -13.73 17.49 22.59
N ASN A 563 -13.91 16.67 21.53
CA ASN A 563 -13.16 15.36 21.31
C ASN A 563 -12.33 15.35 20.03
N LEU A 564 -12.34 16.48 19.30
CA LEU A 564 -11.74 16.44 17.97
C LEU A 564 -10.23 16.36 18.10
N LYS A 565 -9.61 15.38 17.46
CA LYS A 565 -8.19 15.20 17.53
C LYS A 565 -7.47 15.53 16.23
N VAL A 566 -8.08 15.16 15.12
CA VAL A 566 -7.42 15.27 13.79
C VAL A 566 -8.37 15.95 12.81
N LEU A 567 -7.84 17.00 12.20
CA LEU A 567 -8.60 17.77 11.22
C LEU A 567 -7.76 17.95 9.95
N ASN A 568 -8.33 17.51 8.82
CA ASN A 568 -7.70 17.64 7.50
C ASN A 568 -8.51 18.64 6.61
N LEU A 569 -7.90 19.79 6.38
CA LEU A 569 -8.38 20.86 5.51
C LEU A 569 -7.53 20.97 4.23
N SER A 570 -6.77 19.94 3.89
CA SER A 570 -5.90 20.05 2.75
C SER A 570 -6.64 20.25 1.42
N HIS A 571 -5.92 20.91 0.50
CA HIS A 571 -6.34 21.05 -0.89
C HIS A 571 -7.65 21.76 -1.07
N ASN A 572 -7.90 22.69 -0.20
CA ASN A 572 -9.11 23.51 -0.22
C ASN A 572 -8.95 24.89 -0.84
N ASN A 573 -7.71 25.22 -1.23
CA ASN A 573 -7.46 26.57 -1.75
C ASN A 573 -8.00 27.65 -0.82
N ILE A 574 -7.92 27.46 0.51
CA ILE A 574 -8.39 28.48 1.47
C ILE A 574 -7.52 29.75 1.44
N TYR A 575 -8.16 30.87 1.14
CA TYR A 575 -7.49 32.17 1.13
C TYR A 575 -8.32 33.28 1.76
N THR A 576 -9.58 33.03 2.11
CA THR A 576 -10.42 34.04 2.73
C THR A 576 -11.52 33.39 3.58
N LEU A 577 -11.72 33.89 4.79
CA LEU A 577 -12.77 33.42 5.70
C LEU A 577 -13.70 34.58 6.06
N THR A 578 -14.91 34.28 6.49
CA THR A 578 -15.90 35.29 6.86
C THR A 578 -15.98 35.47 8.38
N ASP A 579 -15.83 36.72 8.83
CA ASP A 579 -16.15 37.19 10.22
C ASP A 579 -15.08 36.76 11.23
N LYS A 580 -14.83 35.47 11.34
CA LYS A 580 -13.83 34.98 12.26
C LYS A 580 -12.63 34.44 11.46
N TYR A 581 -11.44 35.01 11.69
CA TYR A 581 -10.29 34.74 10.90
C TYR A 581 -9.37 33.69 11.56
N ASN A 582 -9.78 33.23 12.75
CA ASN A 582 -8.98 32.34 13.56
C ASN A 582 -9.64 30.93 13.71
N LEU A 583 -8.81 29.87 13.59
CA LEU A 583 -9.19 28.51 13.92
C LEU A 583 -8.90 28.31 15.41
N GLU A 584 -9.87 27.73 16.12
CA GLU A 584 -9.72 27.57 17.59
C GLU A 584 -10.20 26.22 17.97
N SER A 585 -9.42 25.60 18.83
CA SER A 585 -9.77 24.28 19.42
C SER A 585 -8.97 24.03 20.66
N LYS A 586 -9.66 23.66 21.75
CA LYS A 586 -8.91 23.20 22.91
C LYS A 586 -8.33 21.76 22.79
N SER A 587 -8.91 20.89 21.92
CA SER A 587 -8.56 19.46 21.86
C SER A 587 -7.69 19.13 20.69
N LEU A 588 -7.76 19.87 19.56
CA LEU A 588 -7.14 19.36 18.31
C LEU A 588 -5.63 19.12 18.49
N VAL A 589 -5.15 17.95 18.05
CA VAL A 589 -3.74 17.67 18.06
C VAL A 589 -3.08 17.77 16.70
N GLU A 590 -3.80 17.54 15.60
CA GLU A 590 -3.15 17.55 14.30
C GLU A 590 -3.99 18.28 13.30
N LEU A 591 -3.35 19.22 12.58
CA LEU A 591 -4.07 19.93 11.53
C LEU A 591 -3.19 19.81 10.28
N VAL A 592 -3.82 19.36 9.23
CA VAL A 592 -3.26 19.31 7.91
C VAL A 592 -3.86 20.50 7.13
N PHE A 593 -3.02 21.46 6.74
CA PHE A 593 -3.46 22.66 6.00
C PHE A 593 -2.72 22.76 4.69
N SER A 594 -2.18 21.67 4.23
CA SER A 594 -1.48 21.69 2.97
C SER A 594 -2.39 22.03 1.80
N GLY A 595 -1.82 22.63 0.79
CA GLY A 595 -2.59 22.89 -0.41
C GLY A 595 -3.62 24.00 -0.25
N ASN A 596 -3.32 24.98 0.60
CA ASN A 596 -4.13 26.18 0.77
C ASN A 596 -3.32 27.42 0.36
N ARG A 597 -3.76 28.61 0.72
CA ARG A 597 -3.08 29.83 0.26
C ARG A 597 -2.67 30.70 1.40
N LEU A 598 -1.84 30.15 2.27
CA LEU A 598 -1.22 30.95 3.33
C LEU A 598 -0.45 32.14 2.78
N ASP A 599 0.12 32.01 1.58
CA ASP A 599 0.76 33.13 0.92
C ASP A 599 -0.17 34.36 0.81
N ILE A 600 -1.44 34.13 0.58
CA ILE A 600 -2.44 35.20 0.61
C ILE A 600 -2.89 35.58 2.01
N LEU A 601 -3.31 34.62 2.82
CA LEU A 601 -3.77 34.82 4.20
C LEU A 601 -2.73 35.68 4.99
N TRP A 602 -1.46 35.42 4.76
CA TRP A 602 -0.36 36.09 5.53
C TRP A 602 0.35 37.19 4.68
N ASN A 603 -0.37 37.72 3.67
CA ASN A 603 0.15 38.80 2.80
C ASN A 603 0.58 39.97 3.74
N ASP A 604 1.70 40.64 3.44
CA ASP A 604 2.25 41.70 4.28
C ASP A 604 1.31 42.90 4.49
N ASP A 605 0.30 43.08 3.64
CA ASP A 605 -0.67 44.16 3.80
C ASP A 605 -1.89 43.84 4.63
N ASP A 606 -1.98 42.59 5.13
CA ASP A 606 -3.20 42.17 5.82
C ASP A 606 -2.82 41.57 7.17
N ASN A 607 -3.44 42.07 8.23
CA ASN A 607 -3.11 41.61 9.62
C ASN A 607 -4.16 40.67 10.16
N ARG A 608 -5.19 40.39 9.37
CA ARG A 608 -6.33 39.66 9.90
C ARG A 608 -6.08 38.20 10.26
N TYR A 609 -5.16 37.53 9.57
CA TYR A 609 -4.94 36.10 9.78
C TYR A 609 -3.64 35.86 10.49
N ILE A 610 -3.06 36.91 11.07
CA ILE A 610 -1.75 36.78 11.73
C ILE A 610 -1.71 35.78 12.94
N SER A 611 -2.84 35.50 13.55
CA SER A 611 -2.94 34.44 14.55
C SER A 611 -3.89 33.28 14.18
N ILE A 612 -4.05 32.97 12.91
CA ILE A 612 -4.96 31.96 12.45
C ILE A 612 -4.91 30.59 13.20
N PHE A 613 -3.73 30.12 13.63
CA PHE A 613 -3.61 28.79 14.29
C PHE A 613 -3.34 28.89 15.81
N LYS A 614 -3.15 30.11 16.32
CA LYS A 614 -2.73 30.37 17.76
C LYS A 614 -3.70 29.71 18.75
N GLY A 615 -4.98 29.73 18.36
CA GLY A 615 -6.08 29.17 19.14
C GLY A 615 -6.25 27.67 19.17
N LEU A 616 -5.37 26.97 18.45
CA LEU A 616 -5.28 25.52 18.43
C LEU A 616 -4.30 25.23 19.55
N LYS A 617 -4.80 25.36 20.75
CA LYS A 617 -3.95 25.39 21.99
C LYS A 617 -3.29 24.06 22.33
N ASN A 618 -3.85 22.94 21.81
CA ASN A 618 -3.34 21.59 22.03
C ASN A 618 -2.50 21.02 20.89
N LEU A 619 -2.23 21.83 19.90
CA LEU A 619 -1.73 21.26 18.65
C LEU A 619 -0.31 20.80 18.76
N THR A 620 0.01 19.62 18.29
CA THR A 620 1.39 19.13 18.23
C THR A 620 1.93 18.90 16.84
N ARG A 621 1.08 18.70 15.82
CA ARG A 621 1.48 18.40 14.45
C ARG A 621 0.73 19.33 13.49
N LEU A 622 1.49 20.09 12.71
CA LEU A 622 0.97 21.08 11.79
C LEU A 622 1.68 20.88 10.46
N ASP A 623 0.89 20.77 9.41
CA ASP A 623 1.41 20.59 8.06
C ASP A 623 0.94 21.82 7.20
N LEU A 624 1.92 22.66 6.86
CA LEU A 624 1.74 23.88 6.02
C LEU A 624 2.41 23.72 4.63
N SER A 625 2.62 22.49 4.23
CA SER A 625 3.23 22.19 2.90
C SER A 625 2.32 22.69 1.78
N LEU A 626 2.92 22.96 0.63
CA LEU A 626 2.17 23.28 -0.57
C LEU A 626 1.21 24.52 -0.34
N ASN A 627 1.72 25.60 0.25
CA ASN A 627 0.95 26.83 0.46
C ASN A 627 1.53 28.06 -0.31
N ARG A 628 2.47 27.79 -1.20
CA ARG A 628 3.05 28.80 -2.10
C ARG A 628 3.82 29.85 -1.34
N LEU A 629 4.34 29.50 -0.18
CA LEU A 629 4.96 30.51 0.69
C LEU A 629 6.30 30.86 0.19
N LYS A 630 6.51 32.18 0.04
CA LYS A 630 7.86 32.75 -0.19
C LYS A 630 8.54 33.27 1.04
N HIS A 631 7.80 33.74 2.05
CA HIS A 631 8.38 34.06 3.31
C HIS A 631 7.18 34.09 4.25
N ILE A 632 7.41 33.76 5.49
CA ILE A 632 6.43 33.85 6.55
C ILE A 632 6.71 35.09 7.37
N PRO A 633 5.69 35.93 7.58
CA PRO A 633 5.91 37.05 8.50
C PRO A 633 6.36 36.63 9.89
N ASN A 634 7.41 37.27 10.44
CA ASN A 634 7.83 36.93 11.76
C ASN A 634 6.71 36.78 12.80
N GLU A 635 5.77 37.72 12.85
CA GLU A 635 4.70 37.69 13.80
C GLU A 635 3.77 36.50 13.55
N ALA A 636 3.58 36.15 12.29
CA ALA A 636 2.76 34.96 11.99
C ALA A 636 3.46 33.66 12.46
N PHE A 637 4.76 33.53 12.24
CA PHE A 637 5.51 32.37 12.73
C PHE A 637 5.48 32.28 14.26
N LEU A 638 5.64 33.44 14.90
CA LEU A 638 5.59 33.55 16.30
C LEU A 638 4.24 33.22 16.86
N ASN A 639 3.19 33.26 16.04
CA ASN A 639 1.89 33.03 16.59
C ASN A 639 1.46 31.57 16.34
N LEU A 640 2.33 30.75 15.79
CA LEU A 640 2.02 29.32 15.67
C LEU A 640 1.96 28.72 17.10
N PRO A 641 1.15 27.69 17.32
CA PRO A 641 1.07 27.23 18.73
C PRO A 641 2.39 26.76 19.39
N ALA A 642 2.65 27.23 20.61
CA ALA A 642 3.89 26.87 21.33
C ALA A 642 3.94 25.41 21.74
N SER A 643 2.78 24.70 21.60
CA SER A 643 2.73 23.26 21.84
C SER A 643 3.34 22.36 20.71
N LEU A 644 3.68 22.94 19.56
CA LEU A 644 4.09 22.12 18.44
C LEU A 644 5.31 21.26 18.73
N THR A 645 5.24 19.99 18.32
CA THR A 645 6.38 19.06 18.29
C THR A 645 6.85 18.78 16.91
N GLU A 646 5.96 18.96 15.89
CA GLU A 646 6.23 18.58 14.49
C GLU A 646 5.66 19.61 13.53
N LEU A 647 6.52 20.21 12.72
CA LEU A 647 6.10 21.29 11.87
C LEU A 647 6.68 21.06 10.47
N HIS A 648 5.78 21.00 9.48
CA HIS A 648 6.10 20.69 8.08
C HIS A 648 5.75 21.96 7.30
N ILE A 649 6.78 22.46 6.61
CA ILE A 649 6.68 23.61 5.70
C ILE A 649 7.33 23.26 4.32
N ASN A 650 7.29 21.96 3.98
CA ASN A 650 8.01 21.41 2.82
C ASN A 650 7.20 21.81 1.60
N ASP A 651 7.84 21.90 0.46
CA ASP A 651 7.21 22.10 -0.85
C ASP A 651 6.47 23.44 -0.91
N ASN A 652 7.14 24.49 -0.44
CA ASN A 652 6.69 25.84 -0.58
C ASN A 652 7.78 26.46 -1.45
N MET A 653 7.99 27.77 -1.37
CA MET A 653 9.02 28.44 -2.19
C MET A 653 9.88 29.33 -1.34
N LEU A 654 10.25 28.85 -0.15
CA LEU A 654 10.88 29.72 0.86
C LEU A 654 12.31 30.00 0.52
N LYS A 655 12.64 31.29 0.47
CA LYS A 655 14.06 31.69 0.34
C LYS A 655 14.59 32.15 1.70
N PHE A 656 13.69 32.62 2.57
CA PHE A 656 14.05 33.08 3.89
C PHE A 656 13.39 32.21 4.97
N PHE A 657 14.20 31.87 5.96
CA PHE A 657 13.65 31.31 7.22
C PHE A 657 14.30 32.03 8.41
N ASN A 658 13.49 32.57 9.30
CA ASN A 658 14.02 33.18 10.52
C ASN A 658 14.21 32.15 11.64
N TRP A 659 15.41 31.57 11.64
CA TRP A 659 15.79 30.56 12.63
C TRP A 659 15.63 31.00 14.10
N THR A 660 15.78 32.32 14.37
CA THR A 660 15.77 32.85 15.71
C THR A 660 14.46 32.53 16.40
N LEU A 661 13.41 32.40 15.59
CA LEU A 661 12.05 32.26 16.15
C LEU A 661 11.81 30.87 16.72
N LEU A 662 12.74 29.94 16.45
CA LEU A 662 12.68 28.61 17.12
C LEU A 662 12.84 28.67 18.63
N GLN A 663 13.38 29.78 19.12
CA GLN A 663 13.46 30.00 20.55
C GLN A 663 12.08 29.97 21.23
N GLN A 664 11.02 30.23 20.48
CA GLN A 664 9.68 30.28 21.07
C GLN A 664 8.94 28.93 20.96
N PHE A 665 9.64 27.87 20.49
CA PHE A 665 8.98 26.57 20.35
C PHE A 665 9.78 25.53 21.10
N PRO A 666 9.65 25.52 22.45
CA PRO A 666 10.56 24.65 23.20
C PRO A 666 10.24 23.13 23.23
N ARG A 667 9.15 22.70 22.58
CA ARG A 667 8.78 21.28 22.47
C ARG A 667 9.04 20.77 21.02
N LEU A 668 9.57 21.61 20.14
CA LEU A 668 9.66 21.27 18.74
C LEU A 668 10.75 20.19 18.51
N GLU A 669 10.34 19.05 17.98
CA GLU A 669 11.28 17.95 17.74
C GLU A 669 11.65 17.72 16.31
N LEU A 670 10.68 17.97 15.41
CA LEU A 670 10.86 17.78 13.99
C LEU A 670 10.47 19.00 13.22
N LEU A 671 11.38 19.41 12.34
CA LEU A 671 11.16 20.56 11.43
C LEU A 671 11.54 20.16 10.03
N ASP A 672 10.54 20.23 9.15
CA ASP A 672 10.66 19.81 7.80
C ASP A 672 10.58 20.99 6.86
N LEU A 673 11.74 21.31 6.25
CA LEU A 673 11.83 22.42 5.26
C LEU A 673 12.25 21.93 3.87
N ARG A 674 11.99 20.65 3.58
CA ARG A 674 12.40 20.04 2.30
C ARG A 674 11.67 20.75 1.16
N GLY A 675 12.29 20.80 0.00
CA GLY A 675 11.57 21.28 -1.16
C GLY A 675 11.29 22.77 -1.21
N ASN A 676 12.23 23.57 -0.73
CA ASN A 676 12.06 25.02 -0.79
C ASN A 676 13.24 25.62 -1.59
N LYS A 677 13.56 26.89 -1.44
CA LYS A 677 14.61 27.54 -2.19
C LYS A 677 15.64 28.15 -1.24
N LEU A 678 15.93 27.47 -0.14
CA LEU A 678 16.71 28.14 0.91
C LEU A 678 18.15 28.23 0.47
N LEU A 679 18.77 29.38 0.56
CA LEU A 679 20.13 29.60 0.02
C LEU A 679 21.23 29.45 1.06
N PHE A 680 20.85 29.66 2.31
CA PHE A 680 21.79 29.50 3.40
C PHE A 680 21.14 29.09 4.73
N LEU A 681 22.01 28.67 5.63
CA LEU A 681 21.59 28.22 6.93
C LEU A 681 22.07 29.20 8.01
N THR A 682 21.29 29.33 9.07
CA THR A 682 21.80 30.07 10.24
C THR A 682 23.11 29.45 10.78
N ASP A 683 23.93 30.32 11.38
CA ASP A 683 25.17 29.90 12.01
C ASP A 683 24.97 29.70 13.49
N SER A 684 23.75 29.94 13.95
CA SER A 684 23.45 29.95 15.40
C SER A 684 22.32 29.03 15.91
N LEU A 685 22.04 27.98 15.17
CA LEU A 685 20.94 27.07 15.50
C LEU A 685 21.07 26.56 16.94
N SER A 686 22.30 26.35 17.43
CA SER A 686 22.54 25.91 18.80
C SER A 686 21.99 26.83 19.87
N ASP A 687 21.85 28.12 19.55
CA ASP A 687 21.33 29.13 20.45
C ASP A 687 19.85 29.22 20.42
N PHE A 688 19.19 28.56 19.46
CA PHE A 688 17.79 28.77 19.19
C PHE A 688 16.95 27.57 19.58
N THR A 689 17.58 26.40 19.76
CA THR A 689 16.85 25.20 20.13
C THR A 689 17.70 24.24 20.94
N SER A 690 17.09 23.64 21.98
CA SER A 690 17.66 22.45 22.64
C SER A 690 16.67 21.23 22.61
N SER A 691 15.67 21.29 21.72
CA SER A 691 14.66 20.21 21.57
C SER A 691 14.71 19.58 20.19
N LEU A 692 15.20 20.28 19.15
CA LEU A 692 15.11 19.78 17.76
C LEU A 692 15.91 18.49 17.56
N ARG A 693 15.20 17.44 17.08
CA ARG A 693 15.77 16.11 16.96
C ARG A 693 16.06 15.71 15.53
N THR A 694 15.19 16.18 14.65
CA THR A 694 15.20 15.85 13.25
C THR A 694 14.99 17.13 12.45
N LEU A 695 15.91 17.37 11.52
CA LEU A 695 15.86 18.57 10.69
C LEU A 695 16.03 18.15 9.24
N LEU A 696 14.96 18.36 8.48
CA LEU A 696 14.90 17.87 7.14
C LEU A 696 15.05 19.06 6.18
N LEU A 697 16.14 19.04 5.40
CA LEU A 697 16.41 20.14 4.51
C LEU A 697 16.74 19.76 3.08
N SER A 698 16.45 18.52 2.69
CA SER A 698 16.68 18.04 1.31
C SER A 698 15.94 18.88 0.28
N HIS A 699 16.56 18.97 -0.89
CA HIS A 699 15.99 19.78 -1.99
C HIS A 699 15.85 21.29 -1.67
N ASN A 700 16.97 21.89 -1.28
CA ASN A 700 17.04 23.32 -1.19
C ASN A 700 18.32 23.67 -1.93
N ARG A 701 18.86 24.89 -1.70
CA ARG A 701 20.01 25.39 -2.45
C ARG A 701 21.20 25.77 -1.55
N ILE A 702 21.42 24.99 -0.48
CA ILE A 702 22.44 25.26 0.53
C ILE A 702 23.80 24.88 -0.04
N SER A 703 24.77 25.79 0.03
CA SER A 703 26.10 25.49 -0.49
C SER A 703 27.19 25.58 0.59
N HIS A 704 26.85 25.93 1.81
CA HIS A 704 27.86 26.00 2.91
C HIS A 704 27.28 25.54 4.20
N LEU A 705 27.99 24.68 4.92
CA LEU A 705 27.60 24.34 6.27
C LEU A 705 28.42 25.15 7.25
N PRO A 706 27.74 25.90 8.12
CA PRO A 706 28.43 26.79 9.08
C PRO A 706 29.18 26.03 10.14
N SER A 707 30.16 26.69 10.80
CA SER A 707 30.83 26.07 11.90
C SER A 707 29.90 25.49 12.96
N GLY A 708 30.28 24.33 13.47
CA GLY A 708 29.51 23.66 14.52
C GLY A 708 28.19 23.03 14.10
N PHE A 709 27.83 23.11 12.83
CA PHE A 709 26.49 22.65 12.43
C PHE A 709 26.24 21.17 12.80
N LEU A 710 27.24 20.31 12.59
CA LEU A 710 27.09 18.88 12.89
C LEU A 710 27.29 18.50 14.36
N SER A 711 27.84 19.39 15.17
CA SER A 711 28.11 19.10 16.59
C SER A 711 27.24 19.87 17.64
N GLU A 712 26.88 21.14 17.39
CA GLU A 712 26.56 22.03 18.51
C GLU A 712 25.11 21.96 19.01
N VAL A 713 24.20 21.49 18.17
CA VAL A 713 22.83 21.34 18.66
C VAL A 713 22.71 20.08 19.50
N SER A 714 22.52 20.23 20.82
CA SER A 714 22.63 19.13 21.82
C SER A 714 21.66 17.95 21.56
N SER A 715 20.50 18.24 20.99
CA SER A 715 19.46 17.25 20.80
C SER A 715 19.35 16.72 19.37
N LEU A 716 20.07 17.29 18.41
CA LEU A 716 19.90 16.92 17.01
C LEU A 716 20.49 15.55 16.67
N LYS A 717 19.63 14.61 16.21
CA LYS A 717 20.05 13.23 15.92
C LYS A 717 20.05 12.94 14.39
N HIS A 718 19.07 13.51 13.68
CA HIS A 718 18.86 13.22 12.28
C HIS A 718 18.85 14.50 11.45
N LEU A 719 19.79 14.59 10.51
CA LEU A 719 19.97 15.78 9.69
C LEU A 719 20.00 15.37 8.25
N ASP A 720 19.04 15.87 7.47
CA ASP A 720 18.95 15.51 6.07
C ASP A 720 19.31 16.72 5.24
N LEU A 721 20.47 16.63 4.59
CA LEU A 721 21.00 17.64 3.72
C LEU A 721 21.16 17.12 2.28
N SER A 722 20.47 16.02 1.95
CA SER A 722 20.51 15.52 0.60
C SER A 722 19.96 16.48 -0.43
N SER A 723 20.44 16.33 -1.66
CA SER A 723 19.96 17.14 -2.74
C SER A 723 20.03 18.65 -2.47
N ASN A 724 21.19 19.11 -2.00
CA ASN A 724 21.46 20.52 -1.97
C ASN A 724 22.70 20.79 -2.90
N LEU A 725 23.52 21.79 -2.60
CA LEU A 725 24.60 22.23 -3.49
C LEU A 725 25.90 22.28 -2.68
N LEU A 726 26.07 21.36 -1.75
CA LEU A 726 27.30 21.32 -0.94
C LEU A 726 28.46 20.84 -1.80
N LYS A 727 29.57 21.57 -1.77
CA LYS A 727 30.80 21.09 -2.43
C LYS A 727 31.74 20.46 -1.46
N THR A 728 31.66 20.86 -0.20
CA THR A 728 32.56 20.31 0.77
C THR A 728 31.91 20.48 2.11
N ILE A 729 32.53 19.90 3.14
CA ILE A 729 32.13 20.11 4.52
C ILE A 729 33.45 20.37 5.25
N ASN A 730 33.57 21.57 5.77
CA ASN A 730 34.75 22.04 6.50
C ASN A 730 34.97 21.42 7.84
N LYS A 731 36.24 21.37 8.26
CA LYS A 731 36.62 21.00 9.59
C LYS A 731 35.79 21.74 10.63
N SER A 732 35.65 23.04 10.51
CA SER A 732 34.90 23.77 11.53
C SER A 732 33.43 23.39 11.65
N ALA A 733 32.81 22.96 10.55
CA ALA A 733 31.42 22.45 10.59
C ALA A 733 31.28 21.20 11.46
N LEU A 734 32.34 20.41 11.51
CA LEU A 734 32.28 19.11 12.19
C LEU A 734 32.23 19.18 13.71
N GLU A 735 32.88 20.20 14.27
CA GLU A 735 33.27 20.17 15.65
C GLU A 735 33.70 21.55 16.11
N THR A 736 33.13 21.99 17.23
CA THR A 736 33.46 23.23 17.90
C THR A 736 33.69 22.89 19.41
N LYS A 737 32.89 23.33 20.38
CA LYS A 737 33.18 22.95 21.76
C LYS A 737 32.91 21.48 22.01
N THR A 738 31.85 20.96 21.40
CA THR A 738 31.45 19.55 21.53
C THR A 738 31.69 18.82 20.19
N THR A 739 31.35 17.56 20.25
CA THR A 739 31.50 16.61 19.19
C THR A 739 30.10 16.10 18.79
N THR A 740 29.91 15.60 17.59
CA THR A 740 28.57 15.31 17.04
C THR A 740 27.70 14.41 17.92
N LYS A 741 26.41 14.72 18.01
CA LYS A 741 25.39 13.86 18.56
C LYS A 741 24.53 13.26 17.46
N LEU A 742 24.95 13.39 16.18
CA LEU A 742 24.11 12.83 15.12
C LEU A 742 24.14 11.31 15.14
N SER A 743 23.04 10.66 14.77
CA SER A 743 23.01 9.22 14.46
C SER A 743 22.66 9.00 13.01
N MET A 744 22.16 10.02 12.31
CA MET A 744 21.97 9.93 10.86
C MET A 744 22.21 11.23 10.14
N LEU A 745 23.05 11.15 9.11
CA LEU A 745 23.36 12.28 8.26
C LEU A 745 23.21 11.96 6.79
N GLU A 746 22.26 12.57 6.13
CA GLU A 746 21.98 12.26 4.72
C GLU A 746 22.57 13.30 3.86
N LEU A 747 23.35 12.86 2.85
CA LEU A 747 24.15 13.70 2.00
C LEU A 747 24.08 13.34 0.53
N HIS A 748 23.37 12.28 0.17
CA HIS A 748 23.31 11.97 -1.29
C HIS A 748 22.83 13.12 -2.16
N GLY A 749 23.40 13.22 -3.34
CA GLY A 749 22.98 14.19 -4.33
C GLY A 749 23.53 15.57 -4.19
N ASN A 750 24.59 15.74 -3.42
CA ASN A 750 25.32 16.98 -3.47
C ASN A 750 26.58 16.84 -4.38
N PRO A 751 26.99 17.95 -5.06
CA PRO A 751 28.11 18.01 -6.06
C PRO A 751 29.46 18.11 -5.33
N PHE A 752 29.81 17.09 -4.59
CA PHE A 752 31.00 17.16 -3.79
C PHE A 752 32.30 17.31 -4.61
N GLU A 753 33.26 18.04 -4.09
CA GLU A 753 34.56 18.20 -4.72
C GLU A 753 35.52 17.27 -4.02
N CYS A 754 36.01 16.27 -4.71
CA CYS A 754 36.84 15.25 -4.10
C CYS A 754 38.31 15.53 -4.33
N THR A 755 38.74 16.66 -3.80
CA THR A 755 40.11 16.99 -3.67
C THR A 755 40.49 16.70 -2.22
N CYS A 756 41.73 17.05 -1.85
CA CYS A 756 42.19 16.86 -0.48
C CYS A 756 41.39 17.73 0.51
N ASP A 757 40.69 18.75 0.01
CA ASP A 757 39.79 19.55 0.88
C ASP A 757 38.62 18.73 1.50
N ILE A 758 38.33 17.56 0.94
CA ILE A 758 37.31 16.68 1.52
C ILE A 758 37.92 15.72 2.56
N GLY A 759 39.25 15.83 2.75
CA GLY A 759 39.96 14.96 3.68
C GLY A 759 39.51 15.03 5.13
N ASP A 760 39.20 16.24 5.62
CA ASP A 760 38.76 16.36 7.04
C ASP A 760 37.43 15.61 7.27
N PHE A 761 36.52 15.73 6.29
CA PHE A 761 35.21 15.08 6.43
C PHE A 761 35.38 13.53 6.31
N ARG A 762 36.26 13.08 5.43
CA ARG A 762 36.51 11.65 5.30
C ARG A 762 37.09 11.08 6.55
N ARG A 763 38.00 11.79 7.22
CA ARG A 763 38.55 11.30 8.47
C ARG A 763 37.45 11.28 9.53
N TRP A 764 36.60 12.28 9.50
CA TRP A 764 35.51 12.37 10.48
C TRP A 764 34.57 11.20 10.29
N MET A 765 34.20 10.89 9.06
CA MET A 765 33.41 9.66 8.80
C MET A 765 34.02 8.41 9.46
N ASP A 766 35.35 8.23 9.34
CA ASP A 766 36.02 7.09 10.00
C ASP A 766 35.99 7.17 11.52
N GLU A 767 35.96 8.35 12.11
CA GLU A 767 36.02 8.47 13.57
C GLU A 767 34.61 8.26 14.16
N HIS A 768 33.60 8.28 13.30
CA HIS A 768 32.21 8.37 13.73
C HIS A 768 31.42 7.37 12.90
N LEU A 769 31.79 6.10 13.07
CA LEU A 769 31.21 5.00 12.26
C LEU A 769 29.74 4.79 12.45
N ASN A 770 29.26 5.19 13.62
CA ASN A 770 27.90 4.96 13.96
C ASN A 770 26.98 6.18 13.62
N VAL A 771 27.52 7.23 13.01
CA VAL A 771 26.68 8.14 12.28
C VAL A 771 26.33 7.53 10.92
N LYS A 772 25.12 7.03 10.78
CA LYS A 772 24.70 6.37 9.52
C LYS A 772 24.65 7.40 8.41
N ILE A 773 25.38 7.18 7.32
CA ILE A 773 25.23 7.99 6.12
C ILE A 773 24.67 7.04 5.04
N PRO A 774 23.36 7.09 4.82
CA PRO A 774 22.76 6.11 3.85
C PRO A 774 23.21 6.37 2.41
N ARG A 775 23.08 5.37 1.56
CA ARG A 775 23.22 5.58 0.14
C ARG A 775 24.58 6.15 -0.24
N LEU A 776 25.62 5.64 0.33
CA LEU A 776 26.94 6.14 0.01
C LEU A 776 27.29 6.08 -1.47
N VAL A 777 26.67 5.13 -2.16
CA VAL A 777 26.75 5.05 -3.61
C VAL A 777 26.22 6.23 -4.35
N ASP A 778 25.34 7.01 -3.72
CA ASP A 778 24.77 8.17 -4.29
C ASP A 778 25.40 9.43 -3.68
N VAL A 779 26.45 9.29 -2.88
CA VAL A 779 27.18 10.43 -2.33
C VAL A 779 28.47 10.46 -3.18
N ILE A 780 28.39 11.26 -4.22
CA ILE A 780 29.19 11.16 -5.43
C ILE A 780 29.99 12.43 -5.67
N CYS A 781 31.27 12.23 -5.95
CA CYS A 781 32.11 13.32 -6.43
C CYS A 781 31.59 13.86 -7.75
N ALA A 782 31.43 15.18 -7.81
CA ALA A 782 31.06 15.86 -9.04
C ALA A 782 32.35 16.35 -9.72
N SER A 783 33.43 16.39 -8.96
CA SER A 783 34.71 16.92 -9.42
C SER A 783 35.82 16.45 -8.49
N PRO A 784 37.10 16.47 -8.96
CA PRO A 784 37.53 16.77 -10.35
C PRO A 784 37.16 15.66 -11.32
N GLY A 785 37.44 15.89 -12.60
CA GLY A 785 36.98 15.04 -13.69
C GLY A 785 37.35 13.57 -13.51
N ASP A 786 38.51 13.33 -12.91
CA ASP A 786 39.02 11.96 -12.73
C ASP A 786 38.35 11.22 -11.56
N GLN A 787 37.66 11.98 -10.68
CA GLN A 787 36.89 11.39 -9.58
C GLN A 787 35.38 11.38 -9.82
N ARG A 788 34.90 12.08 -10.86
CA ARG A 788 33.45 12.16 -11.16
C ARG A 788 32.81 10.79 -11.09
N GLY A 789 31.75 10.65 -10.32
CA GLY A 789 30.97 9.42 -10.32
C GLY A 789 31.36 8.45 -9.25
N LYS A 790 32.58 8.55 -8.75
CA LYS A 790 32.96 7.79 -7.56
C LYS A 790 32.17 8.22 -6.31
N SER A 791 31.89 7.27 -5.43
CA SER A 791 31.41 7.62 -4.13
C SER A 791 32.57 8.35 -3.45
N ILE A 792 32.22 9.31 -2.59
CA ILE A 792 33.28 10.03 -1.86
C ILE A 792 34.07 9.02 -1.03
N VAL A 793 33.45 7.87 -0.78
CA VAL A 793 34.05 6.85 0.06
C VAL A 793 35.24 6.13 -0.67
N SER A 794 35.40 6.36 -1.99
CA SER A 794 36.60 5.97 -2.73
C SER A 794 37.74 6.97 -2.48
N LEU A 795 38.93 6.63 -2.98
CA LEU A 795 40.11 7.52 -2.97
C LEU A 795 40.65 7.79 -1.54
N GLU A 796 41.95 8.11 -1.41
CA GLU A 796 42.56 8.36 -0.07
C GLU A 796 43.44 9.60 0.05
C1 NAG B . -7.26 -17.17 -6.09
C2 NAG B . -6.23 -16.11 -6.38
C3 NAG B . -4.98 -16.23 -5.50
C4 NAG B . -5.37 -16.33 -4.02
C5 NAG B . -6.42 -17.41 -3.86
C6 NAG B . -7.00 -17.61 -2.46
C7 NAG B . -5.65 -15.07 -8.54
C8 NAG B . -4.96 -15.36 -9.88
N2 NAG B . -5.77 -16.14 -7.79
O3 NAG B . -4.01 -15.21 -5.78
O4 NAG B . -4.30 -16.81 -3.21
O5 NAG B . -7.57 -17.10 -4.69
O6 NAG B . -7.58 -16.45 -2.02
O7 NAG B . -5.97 -13.90 -8.18
C1 NAG B . -3.52 -15.78 -2.69
C2 NAG B . -2.77 -16.31 -1.46
C3 NAG B . -1.93 -15.15 -0.91
C4 NAG B . -1.01 -14.52 -1.95
C5 NAG B . -1.89 -14.23 -3.18
C6 NAG B . -1.03 -13.65 -4.29
C7 NAG B . -3.34 -17.95 0.33
C8 NAG B . -4.32 -18.24 1.39
N2 NAG B . -3.64 -16.85 -0.41
O3 NAG B . -1.22 -15.62 0.22
O4 NAG B . -0.60 -13.28 -1.37
O5 NAG B . -2.55 -15.41 -3.63
O6 NAG B . -0.09 -14.62 -4.60
O7 NAG B . -2.34 -18.68 0.14
C1 BMA B . 0.81 -13.24 -1.17
C2 BMA B . 1.18 -11.77 -0.89
C3 BMA B . 2.63 -11.61 -0.47
C4 BMA B . 3.03 -12.65 0.53
C5 BMA B . 2.57 -14.06 0.12
C6 BMA B . 2.96 -15.14 1.17
O2 BMA B . 0.33 -11.29 0.16
O3 BMA B . 2.82 -10.28 0.08
O4 BMA B . 4.46 -12.59 0.62
O5 BMA B . 1.13 -14.05 -0.05
O6 BMA B . 2.19 -15.06 2.39
C1 MAN B . 3.92 -9.56 -0.52
C2 MAN B . 4.38 -8.39 0.37
C3 MAN B . 3.22 -7.38 0.46
C4 MAN B . 2.79 -6.94 -0.92
C5 MAN B . 2.37 -8.17 -1.71
C6 MAN B . 2.03 -7.71 -3.12
O2 MAN B . 5.62 -7.87 -0.09
O3 MAN B . 3.38 -6.25 1.29
O4 MAN B . 1.66 -6.14 -0.77
O5 MAN B . 3.48 -9.06 -1.76
O6 MAN B . 3.19 -7.22 -3.78
C1 MAN B . 0.47 -14.73 4.60
C2 MAN B . 1.63 -15.12 3.72
C3 MAN B . 2.79 -15.31 4.66
C4 MAN B . 3.10 -13.93 5.17
C5 MAN B . 1.97 -13.45 6.08
C6 MAN B . 2.14 -11.97 6.44
O1 MAN B . 0.13 -15.88 5.35
O3 MAN B . 3.92 -15.77 3.95
O4 MAN B . 4.35 -14.01 5.83
O5 MAN B . 0.69 -13.64 5.50
O6 MAN B . 0.88 -11.34 6.62
C1 NAG C . -13.73 6.91 1.48
C2 NAG C . -12.48 6.21 2.04
C3 NAG C . -11.17 6.55 1.22
C4 NAG C . -11.49 6.26 -0.24
C5 NAG C . -12.81 6.95 -0.68
C6 NAG C . -13.25 6.70 -2.12
C7 NAG C . -12.23 5.90 4.49
C8 NAG C . -12.09 6.59 5.81
N2 NAG C . -12.27 6.69 3.41
O3 NAG C . -10.09 5.81 1.79
O4 NAG C . -10.52 6.69 -1.18
O5 NAG C . -13.93 6.55 0.14
O6 NAG C . -13.60 5.36 -2.17
O7 NAG C . -12.23 4.65 4.48
C1 NAG C . -9.60 5.70 -1.56
C2 NAG C . -8.87 6.16 -2.81
C3 NAG C . -7.81 5.10 -3.15
C4 NAG C . -6.88 4.79 -1.98
C5 NAG C . -7.86 4.39 -0.87
C6 NAG C . -7.19 3.91 0.41
C7 NAG C . -10.13 7.38 -4.46
C8 NAG C . -11.12 7.40 -5.59
N2 NAG C . -9.78 6.24 -3.90
O3 NAG C . -7.15 5.52 -4.31
O4 NAG C . -6.04 3.67 -2.28
O5 NAG C . -8.73 5.45 -0.53
O6 NAG C . -6.28 4.90 0.78
O7 NAG C . -9.71 8.43 -4.02
C1 BMA C . -4.63 3.83 -1.93
C2 BMA C . -3.99 2.45 -1.83
C3 BMA C . -2.48 2.52 -1.58
C4 BMA C . -1.81 3.53 -2.50
C5 BMA C . -2.60 4.79 -2.85
C6 BMA C . -2.23 5.20 -4.28
O2 BMA C . -4.27 1.71 -3.03
O3 BMA C . -1.79 1.26 -1.80
O4 BMA C . -0.64 3.93 -1.80
O5 BMA C . -4.03 4.72 -2.86
O6 BMA C . -2.02 6.61 -4.32
C1 NAG D . -5.96 13.93 5.89
C2 NAG D . -5.65 12.78 4.97
C3 NAG D . -5.64 11.43 5.76
C4 NAG D . -4.67 11.62 6.98
C5 NAG D . -5.07 12.81 7.85
C6 NAG D . -4.22 13.11 9.08
C7 NAG D . -6.35 12.90 2.58
C8 NAG D . -7.54 12.79 1.66
N2 NAG D . -6.63 12.73 3.88
O3 NAG D . -5.14 10.44 4.92
O4 NAG D . -4.80 10.36 7.64
O5 NAG D . -5.08 14.05 7.07
O6 NAG D . -2.87 13.15 8.65
O7 NAG D . -5.19 12.99 2.20
C1 NAG D . -3.57 9.89 8.17
C2 NAG D . -3.85 8.81 9.26
C3 NAG D . -2.58 8.20 9.79
C4 NAG D . -1.76 7.74 8.59
C5 NAG D . -1.58 8.86 7.56
C6 NAG D . -0.88 8.34 6.33
C7 NAG D . -5.97 9.04 10.41
C8 NAG D . -6.69 9.72 11.52
N2 NAG D . -4.70 9.34 10.34
O3 NAG D . -2.88 7.07 10.55
O4 NAG D . -0.49 7.40 9.15
O5 NAG D . -2.82 9.37 7.06
O6 NAG D . -0.50 9.47 5.57
O7 NAG D . -6.60 8.33 9.62
C1 BMA D . 0.04 6.13 8.71
C2 BMA D . 1.52 6.00 8.98
C3 BMA D . 1.94 4.58 8.55
C4 BMA D . 1.11 3.59 9.32
C5 BMA D . -0.36 3.81 9.02
C6 BMA D . -1.31 2.81 9.72
O2 BMA D . 1.69 6.21 10.38
O3 BMA D . 3.35 4.33 8.74
O4 BMA D . 1.44 2.27 8.91
O5 BMA D . -0.64 5.13 9.45
O6 BMA D . -1.23 2.86 11.15
CAQ D87 E . -19.89 -3.69 -14.06
CAP D87 E . -20.55 -4.43 -15.19
CAO D87 E . -20.01 -4.23 -16.59
CAN D87 E . -21.24 -4.21 -17.46
CAL D87 E . -21.93 -2.90 -17.17
CAM D87 E . -23.22 -2.64 -16.68
OAK D87 E . -21.30 -1.70 -17.30
CAH D87 E . -22.16 -0.71 -17.00
CAJ D87 E . -23.36 -1.20 -16.64
CAB D87 E . -24.35 -0.31 -16.24
CAD D87 E . -25.60 -0.75 -15.86
CAF D87 E . -26.54 0.21 -15.46
CAE D87 E . -26.26 1.57 -15.46
CAC D87 E . -25.05 2.02 -15.86
CAA D87 E . -24.11 1.05 -16.30
NAI D87 E . -22.89 1.51 -16.67
CAG D87 E . -21.94 0.66 -17.05
NAR D87 E . -20.76 1.10 -17.38
C1 NAG F . 29.33 -16.53 9.90
C2 NAG F . 30.82 -16.38 9.61
C3 NAG F . 31.69 -16.13 10.88
C4 NAG F . 31.08 -15.06 11.78
C5 NAG F . 29.64 -15.47 12.05
C6 NAG F . 28.98 -14.47 12.97
C7 NAG F . 31.53 -17.47 7.57
C8 NAG F . 31.94 -18.72 6.88
N2 NAG F . 31.21 -17.55 8.89
O3 NAG F . 33.01 -15.81 10.49
O4 NAG F . 31.80 -14.91 12.99
O5 NAG F . 28.94 -15.51 10.79
O6 NAG F . 27.63 -14.78 13.22
O7 NAG F . 31.56 -16.42 6.93
C1 NAG G . 27.54 -16.67 -19.79
C2 NAG G . 27.82 -16.68 -21.30
C3 NAG G . 29.11 -17.42 -21.66
C4 NAG G . 30.26 -17.03 -20.75
C5 NAG G . 29.82 -17.14 -19.27
C6 NAG G . 30.95 -16.75 -18.32
C7 NAG G . 26.00 -16.71 -22.91
C8 NAG G . 24.88 -17.52 -23.54
N2 NAG G . 26.71 -17.33 -21.98
O3 NAG G . 29.43 -17.05 -22.96
O4 NAG G . 31.28 -17.95 -21.04
O5 NAG G . 28.70 -16.26 -19.08
O6 NAG G . 30.53 -16.71 -16.96
O7 NAG G . 26.22 -15.54 -23.23
C1 NAG H . 0.26 -35.28 4.56
C2 NAG H . 1.79 -35.38 4.51
C3 NAG H . 2.29 -36.21 5.70
C4 NAG H . 1.80 -35.68 7.05
C5 NAG H . 0.28 -35.46 7.02
C6 NAG H . -0.24 -34.86 8.34
C7 NAG H . 3.20 -36.15 2.59
C8 NAG H . 4.47 -35.54 3.08
N2 NAG H . 2.04 -36.06 3.25
O3 NAG H . 3.70 -36.28 5.82
O4 NAG H . 2.22 -36.64 8.01
O5 NAG H . -0.02 -34.69 5.85
O6 NAG H . -1.54 -35.36 8.62
O7 NAG H . 3.23 -36.76 1.54
C1 NAG I . -18.93 -16.66 14.99
C2 NAG I . -18.78 -18.17 15.09
C3 NAG I . -18.17 -18.58 16.44
C4 NAG I . -16.90 -17.77 16.77
C5 NAG I . -17.24 -16.28 16.63
C6 NAG I . -16.03 -15.38 16.92
C7 NAG I . -20.34 -19.55 13.76
C8 NAG I . -21.76 -20.03 13.59
N2 NAG I . -20.13 -18.75 14.82
O3 NAG I . -17.92 -19.98 16.50
O4 NAG I . -16.60 -18.03 18.14
O5 NAG I . -17.72 -15.99 15.30
O6 NAG I . -15.08 -15.59 15.91
O7 NAG I . -19.41 -19.91 12.98
C1 NAG J . -35.60 -9.27 10.34
C2 NAG J . -36.77 -9.50 9.39
C3 NAG J . -37.49 -10.83 9.63
C4 NAG J . -36.50 -11.95 9.78
C5 NAG J . -35.44 -11.62 10.84
C6 NAG J . -34.42 -12.74 10.86
C7 NAG J . -37.89 -7.40 8.77
C8 NAG J . -38.81 -6.28 9.20
N2 NAG J . -37.65 -8.35 9.66
O3 NAG J . -38.36 -11.17 8.57
O4 NAG J . -37.28 -13.07 10.15
O5 NAG J . -34.76 -10.39 10.59
O6 NAG J . -33.48 -12.54 11.90
O7 NAG J . -37.40 -7.47 7.64
C1 NAG K . -27.75 27.57 10.67
C2 NAG K . -28.27 28.93 11.09
C3 NAG K . -29.39 28.79 12.13
C4 NAG K . -30.36 27.75 11.62
C5 NAG K . -29.56 26.45 11.48
C6 NAG K . -30.48 25.31 11.12
C7 NAG K . -26.41 30.44 11.55
C8 NAG K . -26.86 31.38 10.43
N2 NAG K . -27.11 29.37 11.82
O3 NAG K . -30.08 30.01 12.22
O4 NAG K . -31.39 27.55 12.56
O5 NAG K . -28.75 26.67 10.36
O6 NAG K . -31.01 25.73 9.88
O7 NAG K . -25.40 30.61 12.27
C1 NAG L . -20.38 26.68 19.44
C2 NAG L . -21.77 26.64 20.01
C3 NAG L . -22.15 28.08 20.34
C4 NAG L . -21.18 28.75 21.27
C5 NAG L . -19.75 28.65 20.75
C6 NAG L . -18.84 29.01 21.92
C7 NAG L . -23.49 25.06 19.21
C8 NAG L . -24.56 24.75 18.19
N2 NAG L . -22.80 26.17 19.09
O3 NAG L . -23.44 28.11 20.90
O4 NAG L . -21.50 30.11 21.26
O5 NAG L . -19.48 27.32 20.32
O6 NAG L . -17.59 29.30 21.35
O7 NAG L . -23.25 24.28 20.09
C1 NAG M . -4.87 17.45 24.18
C2 NAG M . -6.27 17.25 24.83
C3 NAG M . -6.30 15.93 25.64
C4 NAG M . -5.71 14.76 24.87
C5 NAG M . -4.39 15.08 24.16
C6 NAG M . -4.04 13.93 23.22
C7 NAG M . -7.95 18.93 25.60
C8 NAG M . -8.23 20.15 26.43
N2 NAG M . -6.73 18.38 25.61
O3 NAG M . -7.61 15.63 26.03
O4 NAG M . -5.40 13.78 25.85
O5 NAG M . -4.46 16.33 23.48
O6 NAG M . -5.08 13.64 22.26
O7 NAG M . -8.92 18.52 24.96
C1 NAG N . 13.74 37.40 13.21
C2 NAG N . 14.31 38.65 12.54
C3 NAG N . 14.78 39.67 13.52
C4 NAG N . 13.57 40.11 14.35
C5 NAG N . 12.53 39.00 14.67
C6 NAG N . 11.14 39.64 14.71
C7 NAG N . 14.85 38.59 10.23
C8 NAG N . 15.80 38.13 9.17
N2 NAG N . 15.23 38.29 11.49
O3 NAG N . 15.07 40.80 12.76
O4 NAG N . 14.08 40.63 15.55
O5 NAG N . 12.53 37.84 13.80
O6 NAG N . 10.19 38.77 15.28
O7 NAG N . 13.77 39.21 9.96
#